data_2LB1
#
_entry.id   2LB1
#
_cell.length_a   1.000
_cell.length_b   1.000
_cell.length_c   1.000
_cell.angle_alpha   90.00
_cell.angle_beta   90.00
_cell.angle_gamma   90.00
#
_symmetry.space_group_name_H-M   'P 1'
#
loop_
_entity.id
_entity.type
_entity.pdbx_description
1 polymer 'E3 ubiquitin-protein ligase SMURF1'
2 polymer 'Mothers against decapentaplegic homolog 1'
#
loop_
_entity_poly.entity_id
_entity_poly.type
_entity_poly.pdbx_seq_one_letter_code
_entity_poly.pdbx_strand_id
1 'polypeptide(L)' LGPLPPGWEVRSTVSGRIYFVDHNNRTTQFTDPRLH A
2 'polypeptide(L)' ADTPPPAYLPPEDP(NH2) B
#
loop_
_chem_comp.id
_chem_comp.type
_chem_comp.name
_chem_comp.formula
NH2 non-polymer 'AMINO GROUP' 'H2 N'
#
# COMPACT_ATOMS: atom_id res chain seq x y z
N LEU A 1 -6.63 4.62 -10.61
CA LEU A 1 -6.88 5.17 -11.97
C LEU A 1 -6.32 6.58 -12.11
N GLY A 2 -5.73 7.12 -11.06
CA GLY A 2 -5.21 8.48 -11.15
C GLY A 2 -4.26 8.85 -10.03
N PRO A 3 -4.77 9.51 -8.98
CA PRO A 3 -3.94 10.19 -7.97
C PRO A 3 -3.54 9.31 -6.78
N LEU A 4 -2.37 9.61 -6.21
CA LEU A 4 -1.90 8.97 -4.99
C LEU A 4 -1.98 9.96 -3.84
N PRO A 5 -2.78 9.66 -2.81
CA PRO A 5 -2.94 10.53 -1.64
C PRO A 5 -1.69 10.59 -0.76
N PRO A 6 -1.33 11.80 -0.28
CA PRO A 6 -0.19 11.99 0.61
C PRO A 6 -0.38 11.25 1.94
N GLY A 7 0.65 10.54 2.37
CA GLY A 7 0.57 9.75 3.59
C GLY A 7 0.49 8.28 3.29
N TRP A 8 0.41 7.97 2.00
CA TRP A 8 0.31 6.59 1.54
C TRP A 8 1.68 5.99 1.30
N GLU A 9 2.03 5.00 2.11
CA GLU A 9 3.26 4.27 1.91
C GLU A 9 2.98 3.00 1.15
N VAL A 10 3.69 2.79 0.06
CA VAL A 10 3.49 1.61 -0.75
C VAL A 10 4.41 0.48 -0.28
N ARG A 11 3.85 -0.45 0.47
CA ARG A 11 4.63 -1.57 0.96
C ARG A 11 4.50 -2.70 -0.04
N SER A 12 5.54 -2.89 -0.83
CA SER A 12 5.51 -3.82 -1.95
C SER A 12 6.27 -5.10 -1.63
N THR A 13 5.84 -6.21 -2.21
CA THR A 13 6.54 -7.46 -2.08
C THR A 13 6.73 -8.12 -3.43
N VAL A 14 7.82 -8.86 -3.56
CA VAL A 14 8.31 -9.40 -4.85
C VAL A 14 7.27 -10.32 -5.51
N SER A 15 6.28 -10.75 -4.75
CA SER A 15 5.19 -11.55 -5.30
C SER A 15 4.45 -10.79 -6.40
N GLY A 16 4.68 -9.48 -6.48
CA GLY A 16 3.98 -8.66 -7.44
C GLY A 16 2.71 -8.11 -6.85
N ARG A 17 2.67 -8.02 -5.54
CA ARG A 17 1.50 -7.50 -4.84
C ARG A 17 1.86 -6.25 -4.07
N ILE A 18 1.29 -5.14 -4.48
CA ILE A 18 1.42 -3.89 -3.75
C ILE A 18 0.26 -3.82 -2.76
N TYR A 19 0.51 -3.32 -1.56
CA TYR A 19 -0.49 -3.37 -0.52
C TYR A 19 -0.29 -2.21 0.39
N PHE A 20 -1.37 -1.55 0.68
CA PHE A 20 -1.29 -0.26 1.24
C PHE A 20 -1.24 -0.22 2.73
N VAL A 21 -0.33 0.64 3.17
CA VAL A 21 -0.06 0.86 4.54
C VAL A 21 0.08 2.37 4.74
N ASP A 22 -1.02 3.01 5.02
CA ASP A 22 -1.01 4.45 5.19
C ASP A 22 -0.73 4.76 6.64
N HIS A 23 0.33 5.53 6.87
CA HIS A 23 0.79 5.78 8.22
C HIS A 23 0.01 6.93 8.86
N ASN A 24 -0.74 7.67 8.05
CA ASN A 24 -1.42 8.87 8.53
C ASN A 24 -2.77 8.51 9.13
N ASN A 25 -3.64 7.94 8.30
CA ASN A 25 -4.98 7.56 8.75
C ASN A 25 -4.95 6.14 9.30
N ARG A 26 -3.87 5.42 9.02
CA ARG A 26 -3.69 4.04 9.45
C ARG A 26 -4.71 3.14 8.78
N THR A 27 -4.48 2.87 7.50
CA THR A 27 -5.41 2.11 6.68
C THR A 27 -4.67 1.14 5.77
N THR A 28 -5.30 0.01 5.43
CA THR A 28 -4.68 -0.99 4.57
C THR A 28 -5.61 -1.40 3.42
N GLN A 29 -5.08 -1.40 2.20
CA GLN A 29 -5.90 -1.69 1.02
C GLN A 29 -5.08 -2.32 -0.10
N PHE A 30 -5.67 -3.23 -0.86
CA PHE A 30 -4.97 -3.84 -2.00
C PHE A 30 -5.19 -3.07 -3.31
N THR A 31 -6.20 -2.19 -3.32
CA THR A 31 -6.47 -1.41 -4.51
C THR A 31 -5.54 -0.19 -4.57
N ASP A 32 -4.64 -0.19 -5.54
CA ASP A 32 -3.70 0.91 -5.69
C ASP A 32 -4.27 1.95 -6.68
N PRO A 33 -4.44 3.20 -6.20
CA PRO A 33 -5.07 4.27 -6.97
C PRO A 33 -4.21 4.79 -8.13
N ARG A 34 -2.94 4.44 -8.13
CA ARG A 34 -2.02 4.92 -9.15
C ARG A 34 -2.29 4.20 -10.48
N LEU A 35 -2.86 2.99 -10.38
CA LEU A 35 -3.25 2.23 -11.55
C LEU A 35 -4.63 2.65 -12.01
N ASP B 2 -4.92 -11.83 -4.16
CA ASP B 2 -4.21 -12.23 -2.93
C ASP B 2 -5.20 -12.24 -1.75
N THR B 3 -4.70 -12.59 -0.58
CA THR B 3 -5.49 -12.62 0.65
C THR B 3 -5.85 -11.21 1.12
N PRO B 4 -6.58 -11.05 2.24
CA PRO B 4 -6.84 -9.73 2.82
C PRO B 4 -5.55 -9.03 3.26
N PRO B 5 -5.50 -7.67 3.20
CA PRO B 5 -4.26 -6.94 3.49
C PRO B 5 -3.86 -6.95 4.96
N PRO B 6 -2.56 -7.18 5.20
CA PRO B 6 -1.95 -7.15 6.54
C PRO B 6 -2.13 -5.82 7.26
N ALA B 7 -1.60 -5.72 8.48
CA ALA B 7 -1.51 -4.45 9.18
C ALA B 7 -0.50 -3.54 8.47
N TYR B 8 -0.44 -2.27 8.85
CA TYR B 8 0.38 -1.34 8.10
C TYR B 8 1.79 -1.24 8.66
N LEU B 9 2.73 -1.25 7.75
CA LEU B 9 4.15 -1.14 8.06
C LEU B 9 4.79 -0.07 7.18
N PRO B 10 5.95 0.46 7.54
CA PRO B 10 6.66 1.38 6.66
C PRO B 10 7.56 0.58 5.72
N PRO B 11 7.67 1.00 4.45
CA PRO B 11 7.83 0.07 3.34
C PRO B 11 9.27 -0.31 2.98
N GLU B 12 9.42 -1.57 2.60
CA GLU B 12 10.64 -2.05 1.97
C GLU B 12 10.44 -2.04 0.45
N ASP B 13 10.96 -1.03 -0.25
CA ASP B 13 10.77 -0.92 -1.68
C ASP B 13 12.05 -0.47 -2.36
N PRO B 14 12.64 -1.34 -3.19
CA PRO B 14 13.84 -1.02 -3.94
C PRO B 14 13.52 -0.17 -5.17
N NH2 B 15 13.42 1.13 -4.98
HN1 NH2 B 15 13.57 1.47 -4.08
HN2 NH2 B 15 13.20 1.69 -5.75
N LEU A 1 -4.57 4.35 -11.12
CA LEU A 1 -4.68 4.99 -12.45
C LEU A 1 -4.50 6.50 -12.34
N GLY A 2 -4.42 7.00 -11.11
CA GLY A 2 -4.30 8.42 -10.89
C GLY A 2 -3.13 8.78 -10.00
N PRO A 3 -3.38 9.56 -8.95
CA PRO A 3 -2.34 10.08 -8.06
C PRO A 3 -2.06 9.19 -6.84
N LEU A 4 -0.82 9.19 -6.38
CA LEU A 4 -0.49 8.61 -5.09
C LEU A 4 -0.60 9.71 -4.02
N PRO A 5 -1.63 9.65 -3.17
CA PRO A 5 -1.89 10.70 -2.19
C PRO A 5 -0.82 10.76 -1.09
N PRO A 6 -0.30 11.97 -0.81
CA PRO A 6 0.65 12.18 0.29
C PRO A 6 0.10 11.70 1.62
N GLY A 7 0.80 10.77 2.24
CA GLY A 7 0.30 10.14 3.45
C GLY A 7 0.10 8.66 3.24
N TRP A 8 0.11 8.27 1.98
CA TRP A 8 0.03 6.87 1.60
C TRP A 8 1.41 6.28 1.50
N GLU A 9 1.74 5.39 2.41
CA GLU A 9 2.95 4.63 2.27
C GLU A 9 2.62 3.36 1.51
N VAL A 10 3.14 3.28 0.31
CA VAL A 10 2.86 2.14 -0.54
C VAL A 10 3.89 1.05 -0.30
N ARG A 11 3.45 -0.02 0.32
CA ARG A 11 4.35 -1.11 0.64
C ARG A 11 4.17 -2.19 -0.42
N SER A 12 5.14 -2.26 -1.31
CA SER A 12 5.06 -3.15 -2.46
C SER A 12 5.93 -4.37 -2.23
N THR A 13 5.45 -5.53 -2.64
CA THR A 13 6.16 -6.76 -2.40
C THR A 13 6.38 -7.54 -3.70
N VAL A 14 7.59 -8.11 -3.81
CA VAL A 14 8.05 -8.77 -5.05
C VAL A 14 7.17 -9.95 -5.46
N SER A 15 6.35 -10.42 -4.54
CA SER A 15 5.38 -11.48 -4.83
C SER A 15 4.38 -11.03 -5.90
N GLY A 16 4.36 -9.73 -6.16
CA GLY A 16 3.48 -9.19 -7.17
C GLY A 16 2.14 -8.79 -6.60
N ARG A 17 2.17 -8.13 -5.45
CA ARG A 17 0.95 -7.65 -4.83
C ARG A 17 1.21 -6.31 -4.14
N ILE A 18 0.34 -5.35 -4.41
CA ILE A 18 0.40 -4.07 -3.74
C ILE A 18 -0.45 -4.12 -2.49
N TYR A 19 0.02 -3.53 -1.40
CA TYR A 19 -0.75 -3.54 -0.17
C TYR A 19 -0.41 -2.28 0.61
N PHE A 20 -1.44 -1.58 0.98
CA PHE A 20 -1.28 -0.27 1.49
C PHE A 20 -1.22 -0.17 2.97
N VAL A 21 -0.32 0.71 3.37
CA VAL A 21 -0.09 1.02 4.74
C VAL A 21 -0.15 2.55 4.92
N ASP A 22 -1.33 3.05 5.20
CA ASP A 22 -1.46 4.46 5.50
C ASP A 22 -1.27 4.63 6.99
N HIS A 23 -0.25 5.38 7.34
CA HIS A 23 0.20 5.44 8.73
C HIS A 23 -0.63 6.43 9.54
N ASN A 24 -1.42 7.25 8.86
CA ASN A 24 -2.16 8.32 9.54
C ASN A 24 -3.54 7.84 9.96
N ASN A 25 -4.28 7.27 9.02
CA ASN A 25 -5.61 6.78 9.30
C ASN A 25 -5.57 5.31 9.70
N ARG A 26 -4.42 4.67 9.43
CA ARG A 26 -4.22 3.25 9.65
C ARG A 26 -5.19 2.44 8.78
N THR A 27 -4.95 2.46 7.48
CA THR A 27 -5.77 1.71 6.56
C THR A 27 -4.93 0.77 5.72
N THR A 28 -5.51 -0.38 5.37
CA THR A 28 -4.86 -1.38 4.56
C THR A 28 -5.62 -1.61 3.25
N GLN A 29 -4.96 -1.33 2.13
CA GLN A 29 -5.63 -1.38 0.81
C GLN A 29 -4.99 -2.42 -0.10
N PHE A 30 -5.79 -3.15 -0.86
CA PHE A 30 -5.25 -4.02 -1.89
C PHE A 30 -5.35 -3.39 -3.27
N THR A 31 -6.14 -2.33 -3.37
CA THR A 31 -6.21 -1.56 -4.60
C THR A 31 -5.20 -0.41 -4.55
N ASP A 32 -4.62 -0.07 -5.69
CA ASP A 32 -3.58 0.96 -5.73
C ASP A 32 -3.95 2.07 -6.70
N PRO A 33 -3.75 3.34 -6.31
CA PRO A 33 -4.07 4.50 -7.12
C PRO A 33 -3.01 4.83 -8.19
N ARG A 34 -1.82 4.24 -8.06
CA ARG A 34 -0.72 4.55 -8.96
C ARG A 34 -0.93 3.91 -10.34
N LEU A 35 -1.07 2.59 -10.38
CA LEU A 35 -1.30 1.91 -11.67
C LEU A 35 -2.75 2.08 -12.12
N ASP B 2 -5.51 -10.81 -3.19
CA ASP B 2 -4.62 -11.63 -2.34
C ASP B 2 -5.28 -11.86 -0.98
N THR B 3 -4.67 -12.70 -0.15
CA THR B 3 -5.16 -12.97 1.19
C THR B 3 -5.21 -11.69 2.03
N PRO B 4 -6.05 -11.66 3.09
CA PRO B 4 -6.38 -10.43 3.82
C PRO B 4 -5.13 -9.62 4.21
N PRO B 5 -5.22 -8.27 4.07
CA PRO B 5 -4.06 -7.39 4.24
C PRO B 5 -3.47 -7.45 5.64
N PRO B 6 -2.14 -7.50 5.72
CA PRO B 6 -1.42 -7.62 6.99
C PRO B 6 -1.33 -6.29 7.73
N ALA B 7 -0.69 -6.30 8.90
CA ALA B 7 -0.50 -5.09 9.68
C ALA B 7 0.31 -4.08 8.87
N TYR B 8 0.10 -2.79 9.14
CA TYR B 8 0.74 -1.77 8.33
C TYR B 8 2.10 -1.38 8.91
N LEU B 9 3.10 -1.47 8.06
CA LEU B 9 4.45 -1.06 8.37
C LEU B 9 4.94 -0.16 7.24
N PRO B 10 5.98 0.66 7.45
CA PRO B 10 6.38 1.63 6.44
C PRO B 10 7.34 1.03 5.43
N PRO B 11 7.25 1.55 4.19
CA PRO B 11 7.27 0.75 2.98
C PRO B 11 8.59 0.62 2.24
N GLU B 12 8.64 -0.44 1.44
CA GLU B 12 9.66 -0.65 0.45
C GLU B 12 8.98 -0.73 -0.93
N ASP B 13 9.41 0.07 -1.91
CA ASP B 13 8.76 0.09 -3.22
C ASP B 13 9.79 0.05 -4.33
N PRO B 14 9.81 -1.05 -5.11
CA PRO B 14 10.72 -1.22 -6.24
C PRO B 14 10.29 -0.38 -7.44
N NH2 B 15 10.78 0.85 -7.51
HN1 NH2 B 15 11.38 1.15 -6.80
HN2 NH2 B 15 10.52 1.41 -8.28
N LEU A 1 -5.55 4.67 -12.39
CA LEU A 1 -4.78 5.87 -12.82
C LEU A 1 -5.33 7.12 -12.14
N GLY A 2 -4.47 7.90 -11.53
CA GLY A 2 -4.93 9.10 -10.88
C GLY A 2 -4.01 9.60 -9.78
N PRO A 3 -4.58 10.10 -8.68
CA PRO A 3 -3.86 10.75 -7.59
C PRO A 3 -3.39 9.79 -6.49
N LEU A 4 -2.28 10.15 -5.87
CA LEU A 4 -1.81 9.44 -4.68
C LEU A 4 -1.71 10.41 -3.51
N PRO A 5 -2.57 10.26 -2.50
CA PRO A 5 -2.59 11.15 -1.34
C PRO A 5 -1.33 11.02 -0.47
N PRO A 6 -0.70 12.16 -0.14
CA PRO A 6 0.47 12.17 0.75
C PRO A 6 0.18 11.48 2.07
N GLY A 7 1.03 10.52 2.42
CA GLY A 7 0.78 9.70 3.60
C GLY A 7 0.51 8.27 3.23
N TRP A 8 0.39 8.04 1.92
CA TRP A 8 0.18 6.70 1.40
C TRP A 8 1.51 6.05 1.11
N GLU A 9 1.91 5.14 1.98
CA GLU A 9 3.12 4.39 1.77
C GLU A 9 2.77 3.11 1.04
N VAL A 10 3.37 2.92 -0.12
CA VAL A 10 3.08 1.72 -0.88
C VAL A 10 4.06 0.64 -0.47
N ARG A 11 3.54 -0.38 0.17
CA ARG A 11 4.35 -1.50 0.57
C ARG A 11 4.21 -2.58 -0.51
N SER A 12 5.12 -2.52 -1.49
CA SER A 12 5.07 -3.41 -2.65
C SER A 12 6.01 -4.61 -2.46
N THR A 13 5.43 -5.77 -2.23
CA THR A 13 6.21 -6.95 -1.89
C THR A 13 6.57 -7.77 -3.13
N VAL A 14 7.72 -8.45 -3.07
CA VAL A 14 8.26 -9.19 -4.21
C VAL A 14 7.33 -10.33 -4.64
N SER A 15 6.37 -10.67 -3.78
CA SER A 15 5.34 -11.64 -4.10
C SER A 15 4.52 -11.20 -5.33
N GLY A 16 4.66 -9.93 -5.69
CA GLY A 16 3.94 -9.40 -6.83
C GLY A 16 2.61 -8.82 -6.43
N ARG A 17 2.60 -8.07 -5.35
CA ARG A 17 1.40 -7.45 -4.86
C ARG A 17 1.71 -6.14 -4.15
N ILE A 18 1.05 -5.07 -4.58
CA ILE A 18 1.11 -3.81 -3.87
C ILE A 18 -0.03 -3.81 -2.87
N TYR A 19 0.22 -3.31 -1.68
CA TYR A 19 -0.75 -3.40 -0.61
C TYR A 19 -0.55 -2.21 0.27
N PHE A 20 -1.63 -1.52 0.56
CA PHE A 20 -1.50 -0.21 1.08
C PHE A 20 -1.40 -0.11 2.55
N VAL A 21 -0.43 0.66 2.96
CA VAL A 21 -0.15 0.90 4.33
C VAL A 21 -0.04 2.42 4.54
N ASP A 22 -1.16 3.02 4.86
CA ASP A 22 -1.19 4.46 5.10
C ASP A 22 -0.94 4.70 6.57
N HIS A 23 0.13 5.43 6.86
CA HIS A 23 0.57 5.60 8.23
C HIS A 23 -0.22 6.70 8.93
N ASN A 24 -0.89 7.55 8.15
CA ASN A 24 -1.59 8.70 8.72
C ASN A 24 -2.94 8.29 9.27
N ASN A 25 -3.78 7.76 8.39
CA ASN A 25 -5.13 7.37 8.77
C ASN A 25 -5.14 5.96 9.33
N ARG A 26 -4.05 5.26 9.09
CA ARG A 26 -3.88 3.87 9.49
C ARG A 26 -4.93 2.99 8.80
N THR A 27 -4.71 2.74 7.52
CA THR A 27 -5.61 1.92 6.72
C THR A 27 -4.80 0.99 5.82
N THR A 28 -5.36 -0.17 5.53
CA THR A 28 -4.71 -1.14 4.66
C THR A 28 -5.66 -1.59 3.54
N GLN A 29 -5.30 -1.27 2.31
CA GLN A 29 -6.18 -1.54 1.16
C GLN A 29 -5.39 -2.18 0.02
N PHE A 30 -5.97 -3.18 -0.65
CA PHE A 30 -5.33 -3.79 -1.82
C PHE A 30 -5.56 -2.95 -3.08
N THR A 31 -6.50 -2.03 -3.01
CA THR A 31 -6.83 -1.19 -4.16
C THR A 31 -5.83 -0.05 -4.31
N ASP A 32 -5.12 -0.05 -5.43
CA ASP A 32 -4.15 1.00 -5.72
C ASP A 32 -4.75 2.02 -6.69
N PRO A 33 -4.69 3.32 -6.35
CA PRO A 33 -5.30 4.38 -7.14
C PRO A 33 -4.56 4.69 -8.45
N ARG A 34 -3.32 4.23 -8.58
CA ARG A 34 -2.55 4.48 -9.79
C ARG A 34 -2.82 3.39 -10.82
N LEU A 35 -3.23 2.23 -10.34
CA LEU A 35 -3.53 1.11 -11.21
C LEU A 35 -4.92 1.27 -11.81
N ASP B 2 -4.81 -12.03 -3.94
CA ASP B 2 -4.04 -12.16 -2.68
C ASP B 2 -4.97 -12.16 -1.49
N THR B 3 -4.62 -12.96 -0.48
CA THR B 3 -5.40 -13.07 0.75
C THR B 3 -5.47 -11.75 1.50
N PRO B 4 -6.35 -11.65 2.53
CA PRO B 4 -6.63 -10.39 3.23
C PRO B 4 -5.37 -9.63 3.65
N PRO B 5 -5.39 -8.29 3.51
CA PRO B 5 -4.20 -7.45 3.67
C PRO B 5 -3.61 -7.47 5.08
N PRO B 6 -2.27 -7.53 5.15
CA PRO B 6 -1.52 -7.48 6.42
C PRO B 6 -1.68 -6.15 7.14
N ALA B 7 -1.17 -6.08 8.37
CA ALA B 7 -1.10 -4.82 9.10
C ALA B 7 -0.16 -3.87 8.36
N TYR B 8 -0.24 -2.57 8.65
CA TYR B 8 0.53 -1.63 7.87
C TYR B 8 1.91 -1.40 8.47
N LEU B 9 2.87 -1.49 7.59
CA LEU B 9 4.27 -1.25 7.89
C LEU B 9 4.81 -0.28 6.86
N PRO B 10 5.93 0.40 7.11
CA PRO B 10 6.47 1.34 6.13
C PRO B 10 7.38 0.61 5.16
N PRO B 11 7.59 1.20 3.97
CA PRO B 11 7.81 0.43 2.76
C PRO B 11 9.26 0.07 2.47
N GLU B 12 9.44 -1.20 2.12
CA GLU B 12 10.74 -1.70 1.73
C GLU B 12 10.78 -1.90 0.20
N ASP B 13 11.34 -0.96 -0.53
CA ASP B 13 11.21 -1.00 -1.98
C ASP B 13 12.44 -0.46 -2.68
N PRO B 14 13.17 -1.33 -3.39
CA PRO B 14 14.34 -0.96 -4.16
C PRO B 14 13.96 -0.36 -5.51
N NH2 B 15 13.76 0.94 -5.54
HN1 NH2 B 15 13.88 1.44 -4.71
HN2 NH2 B 15 13.49 1.35 -6.39
N LEU A 1 -4.74 4.61 -11.36
CA LEU A 1 -5.71 5.74 -11.45
C LEU A 1 -4.99 7.08 -11.63
N GLY A 2 -3.80 7.22 -11.05
CA GLY A 2 -3.04 8.44 -11.26
C GLY A 2 -2.32 8.92 -10.01
N PRO A 3 -3.02 9.59 -9.08
CA PRO A 3 -2.41 10.27 -7.94
C PRO A 3 -2.24 9.39 -6.71
N LEU A 4 -1.18 9.66 -5.95
CA LEU A 4 -0.93 9.00 -4.68
C LEU A 4 -1.06 10.01 -3.54
N PRO A 5 -2.07 9.84 -2.68
CA PRO A 5 -2.33 10.75 -1.56
C PRO A 5 -1.20 10.77 -0.53
N PRO A 6 -0.79 11.98 -0.09
CA PRO A 6 0.24 12.13 0.94
C PRO A 6 -0.14 11.43 2.23
N GLY A 7 0.71 10.51 2.68
CA GLY A 7 0.40 9.71 3.85
C GLY A 7 0.19 8.26 3.49
N TRP A 8 0.15 8.00 2.18
CA TRP A 8 0.03 6.64 1.68
C TRP A 8 1.38 6.03 1.46
N GLU A 9 1.72 5.06 2.30
CA GLU A 9 2.93 4.31 2.08
C GLU A 9 2.57 3.11 1.22
N VAL A 10 3.14 3.08 0.04
CA VAL A 10 2.85 2.01 -0.89
C VAL A 10 3.83 0.88 -0.67
N ARG A 11 3.36 -0.17 -0.02
CA ARG A 11 4.23 -1.27 0.32
C ARG A 11 4.07 -2.35 -0.73
N SER A 12 4.94 -2.30 -1.73
CA SER A 12 4.90 -3.22 -2.84
C SER A 12 5.86 -4.38 -2.59
N THR A 13 5.36 -5.59 -2.72
CA THR A 13 6.14 -6.76 -2.39
C THR A 13 6.43 -7.61 -3.62
N VAL A 14 7.65 -8.17 -3.63
CA VAL A 14 8.15 -8.99 -4.75
C VAL A 14 7.29 -10.24 -4.94
N SER A 15 6.50 -10.55 -3.93
CA SER A 15 5.49 -11.61 -4.01
C SER A 15 4.52 -11.33 -5.18
N GLY A 16 4.55 -10.10 -5.67
CA GLY A 16 3.75 -9.73 -6.83
C GLY A 16 2.39 -9.20 -6.45
N ARG A 17 2.33 -8.40 -5.39
CA ARG A 17 1.11 -7.69 -5.06
C ARG A 17 1.43 -6.37 -4.36
N ILE A 18 0.74 -5.32 -4.77
CA ILE A 18 0.82 -4.03 -4.11
C ILE A 18 -0.25 -4.00 -3.01
N TYR A 19 0.09 -3.45 -1.86
CA TYR A 19 -0.82 -3.51 -0.72
C TYR A 19 -0.57 -2.30 0.13
N PHE A 20 -1.63 -1.62 0.47
CA PHE A 20 -1.49 -0.33 1.06
C PHE A 20 -1.41 -0.32 2.54
N VAL A 21 -0.50 0.51 2.99
CA VAL A 21 -0.21 0.70 4.37
C VAL A 21 -0.08 2.20 4.64
N ASP A 22 -1.19 2.84 4.95
CA ASP A 22 -1.16 4.26 5.23
C ASP A 22 -0.92 4.44 6.73
N HIS A 23 0.15 5.15 7.08
CA HIS A 23 0.53 5.29 8.47
C HIS A 23 -0.28 6.39 9.14
N ASN A 24 -0.93 7.21 8.33
CA ASN A 24 -1.64 8.37 8.85
C ASN A 24 -2.94 7.96 9.52
N ASN A 25 -3.85 7.39 8.75
CA ASN A 25 -5.13 6.94 9.27
C ASN A 25 -5.05 5.48 9.69
N ARG A 26 -4.01 4.79 9.23
CA ARG A 26 -3.87 3.35 9.38
C ARG A 26 -4.96 2.64 8.58
N THR A 27 -4.71 2.50 7.29
CA THR A 27 -5.65 1.85 6.40
C THR A 27 -4.91 0.89 5.46
N THR A 28 -5.34 -0.36 5.45
CA THR A 28 -4.75 -1.34 4.56
C THR A 28 -5.70 -1.63 3.40
N GLN A 29 -5.27 -1.32 2.19
CA GLN A 29 -6.11 -1.46 1.01
C GLN A 29 -5.41 -2.25 -0.08
N PHE A 30 -6.08 -3.23 -0.66
CA PHE A 30 -5.57 -3.91 -1.85
C PHE A 30 -5.85 -3.07 -3.09
N THR A 31 -6.72 -2.08 -2.95
CA THR A 31 -7.01 -1.12 -4.01
C THR A 31 -5.90 -0.08 -4.11
N ASP A 32 -5.26 0.00 -5.27
CA ASP A 32 -4.14 0.91 -5.46
C ASP A 32 -4.45 1.95 -6.55
N PRO A 33 -4.18 3.23 -6.25
CA PRO A 33 -4.35 4.33 -7.20
C PRO A 33 -3.17 4.51 -8.15
N ARG A 34 -2.03 3.89 -7.84
CA ARG A 34 -0.84 4.00 -8.68
C ARG A 34 -1.07 3.28 -10.00
N LEU A 35 -1.73 2.14 -9.92
CA LEU A 35 -2.11 1.38 -11.11
C LEU A 35 -3.29 2.06 -11.81
N ASP B 2 -3.13 -12.22 -2.85
CA ASP B 2 -2.64 -12.23 -1.45
C ASP B 2 -3.85 -12.31 -0.52
N THR B 3 -3.60 -12.52 0.75
CA THR B 3 -4.65 -12.70 1.75
C THR B 3 -5.19 -11.33 2.16
N PRO B 4 -6.42 -11.26 2.72
CA PRO B 4 -7.05 -9.98 3.06
C PRO B 4 -6.11 -9.06 3.83
N PRO B 5 -6.25 -7.74 3.59
CA PRO B 5 -5.23 -6.75 3.94
C PRO B 5 -4.68 -6.85 5.36
N PRO B 6 -3.36 -7.03 5.45
CA PRO B 6 -2.62 -7.22 6.70
C PRO B 6 -2.44 -5.93 7.49
N ALA B 7 -1.77 -6.03 8.63
CA ALA B 7 -1.38 -4.84 9.39
C ALA B 7 -0.40 -4.01 8.56
N TYR B 8 -0.36 -2.71 8.81
CA TYR B 8 0.41 -1.82 7.95
C TYR B 8 1.86 -1.67 8.40
N LEU B 9 2.73 -1.56 7.41
CA LEU B 9 4.16 -1.41 7.59
C LEU B 9 4.68 -0.25 6.76
N PRO B 10 5.86 0.29 7.06
CA PRO B 10 6.43 1.36 6.24
C PRO B 10 7.24 0.78 5.08
N PRO B 11 7.29 1.51 3.94
CA PRO B 11 7.36 0.90 2.62
C PRO B 11 8.75 0.61 2.08
N GLU B 12 8.80 -0.40 1.21
CA GLU B 12 9.98 -0.75 0.46
C GLU B 12 9.63 -0.76 -1.04
N ASP B 13 10.24 0.10 -1.86
CA ASP B 13 9.96 0.12 -3.29
C ASP B 13 11.18 0.57 -4.08
N PRO B 14 11.81 -0.37 -4.80
CA PRO B 14 12.98 -0.09 -5.61
C PRO B 14 12.62 0.19 -7.07
N NH2 B 15 11.96 1.31 -7.31
HN1 NH2 B 15 11.72 1.88 -6.55
HN2 NH2 B 15 11.70 1.52 -8.24
N LEU A 1 -5.72 4.95 -11.07
CA LEU A 1 -5.87 5.84 -12.22
C LEU A 1 -4.71 6.84 -12.34
N GLY A 2 -3.88 6.94 -11.30
CA GLY A 2 -2.75 7.84 -11.39
C GLY A 2 -2.22 8.37 -10.06
N PRO A 3 -3.05 9.04 -9.24
CA PRO A 3 -2.55 9.82 -8.11
C PRO A 3 -2.44 9.02 -6.80
N LEU A 4 -1.35 9.29 -6.08
CA LEU A 4 -1.10 8.68 -4.78
C LEU A 4 -1.45 9.68 -3.67
N PRO A 5 -2.44 9.34 -2.82
CA PRO A 5 -2.91 10.24 -1.75
C PRO A 5 -1.85 10.49 -0.67
N PRO A 6 -1.96 11.61 0.10
CA PRO A 6 -1.01 11.95 1.15
C PRO A 6 -1.06 10.98 2.33
N GLY A 7 0.10 10.51 2.76
CA GLY A 7 0.15 9.58 3.88
C GLY A 7 0.16 8.14 3.43
N TRP A 8 0.13 7.94 2.12
CA TRP A 8 0.10 6.61 1.56
C TRP A 8 1.50 6.09 1.32
N GLU A 9 1.93 5.19 2.17
CA GLU A 9 3.16 4.49 1.92
C GLU A 9 2.84 3.24 1.12
N VAL A 10 3.41 3.15 -0.05
CA VAL A 10 3.10 2.07 -0.96
C VAL A 10 4.03 0.89 -0.71
N ARG A 11 3.50 -0.17 -0.11
CA ARG A 11 4.32 -1.30 0.24
C ARG A 11 4.08 -2.36 -0.83
N SER A 12 4.93 -2.36 -1.85
CA SER A 12 4.73 -3.23 -3.01
C SER A 12 5.71 -4.40 -2.99
N THR A 13 5.21 -5.59 -2.75
CA THR A 13 6.09 -6.74 -2.58
C THR A 13 6.37 -7.44 -3.91
N VAL A 14 7.61 -7.92 -4.06
CA VAL A 14 8.08 -8.56 -5.29
C VAL A 14 7.27 -9.80 -5.64
N SER A 15 6.50 -10.29 -4.67
CA SER A 15 5.58 -11.40 -4.89
C SER A 15 4.56 -11.05 -5.98
N GLY A 16 4.47 -9.76 -6.31
CA GLY A 16 3.56 -9.32 -7.34
C GLY A 16 2.20 -8.96 -6.79
N ARG A 17 2.18 -8.22 -5.69
CA ARG A 17 0.93 -7.73 -5.12
C ARG A 17 1.16 -6.39 -4.42
N ILE A 18 0.25 -5.46 -4.66
CA ILE A 18 0.30 -4.17 -3.98
C ILE A 18 -0.49 -4.27 -2.70
N TYR A 19 0.00 -3.67 -1.64
CA TYR A 19 -0.71 -3.69 -0.38
C TYR A 19 -0.37 -2.43 0.36
N PHE A 20 -1.39 -1.73 0.73
CA PHE A 20 -1.22 -0.41 1.22
C PHE A 20 -1.05 -0.32 2.68
N VAL A 21 -0.10 0.50 3.04
CA VAL A 21 0.24 0.74 4.39
C VAL A 21 0.29 2.25 4.61
N ASP A 22 -0.85 2.78 4.99
CA ASP A 22 -0.97 4.22 5.18
C ASP A 22 -0.71 4.53 6.64
N HIS A 23 0.30 5.36 6.89
CA HIS A 23 0.70 5.66 8.26
C HIS A 23 -0.09 6.85 8.79
N ASN A 24 -0.86 7.49 7.91
CA ASN A 24 -1.59 8.70 8.26
C ASN A 24 -2.90 8.35 8.94
N ASN A 25 -3.78 7.67 8.22
CA ASN A 25 -5.07 7.26 8.77
C ASN A 25 -4.98 5.87 9.39
N ARG A 26 -3.91 5.15 9.06
CA ARG A 26 -3.74 3.75 9.46
C ARG A 26 -4.75 2.87 8.73
N THR A 27 -4.41 2.54 7.49
CA THR A 27 -5.29 1.77 6.64
C THR A 27 -4.49 0.83 5.74
N THR A 28 -4.96 -0.40 5.60
CA THR A 28 -4.36 -1.34 4.68
C THR A 28 -5.32 -1.63 3.53
N GLN A 29 -4.89 -1.34 2.31
CA GLN A 29 -5.79 -1.44 1.14
C GLN A 29 -5.13 -2.21 0.00
N PHE A 30 -5.89 -3.09 -0.65
CA PHE A 30 -5.38 -3.82 -1.81
C PHE A 30 -5.66 -3.09 -3.11
N THR A 31 -6.56 -2.12 -3.07
CA THR A 31 -6.88 -1.33 -4.25
C THR A 31 -5.89 -0.16 -4.39
N ASP A 32 -5.08 -0.21 -5.43
CA ASP A 32 -4.05 0.81 -5.65
C ASP A 32 -4.56 1.92 -6.57
N PRO A 33 -4.43 3.18 -6.12
CA PRO A 33 -4.89 4.35 -6.88
C PRO A 33 -3.98 4.71 -8.03
N ARG A 34 -2.76 4.17 -8.06
CA ARG A 34 -1.83 4.46 -9.14
C ARG A 34 -2.22 3.67 -10.38
N LEU A 35 -2.69 2.45 -10.19
CA LEU A 35 -3.15 1.61 -11.28
C LEU A 35 -4.60 1.92 -11.62
N ASP B 2 -5.47 -10.40 -3.44
CA ASP B 2 -4.70 -11.26 -2.52
C ASP B 2 -5.50 -11.50 -1.23
N THR B 3 -4.98 -12.35 -0.36
CA THR B 3 -5.61 -12.68 0.91
C THR B 3 -5.77 -11.44 1.79
N PRO B 4 -6.67 -11.47 2.79
CA PRO B 4 -7.03 -10.28 3.58
C PRO B 4 -5.80 -9.53 4.10
N PRO B 5 -5.76 -8.19 3.89
CA PRO B 5 -4.55 -7.38 4.14
C PRO B 5 -4.13 -7.34 5.61
N PRO B 6 -2.81 -7.25 5.84
CA PRO B 6 -2.22 -7.26 7.18
C PRO B 6 -2.05 -5.86 7.77
N ALA B 7 -1.52 -5.79 8.99
CA ALA B 7 -1.17 -4.51 9.60
C ALA B 7 -0.17 -3.76 8.73
N TYR B 8 -0.14 -2.44 8.84
CA TYR B 8 0.69 -1.64 7.96
C TYR B 8 2.09 -1.43 8.52
N LEU B 9 3.04 -1.43 7.61
CA LEU B 9 4.44 -1.19 7.92
C LEU B 9 4.98 -0.13 6.98
N PRO B 10 6.10 0.52 7.29
CA PRO B 10 6.66 1.49 6.37
C PRO B 10 7.58 0.78 5.38
N PRO B 11 7.61 1.25 4.12
CA PRO B 11 7.74 0.33 2.99
C PRO B 11 9.17 0.05 2.55
N GLU B 12 9.41 -1.22 2.23
CA GLU B 12 10.68 -1.65 1.69
C GLU B 12 10.65 -1.55 0.16
N ASP B 13 11.20 -0.50 -0.40
CA ASP B 13 11.00 -0.26 -1.83
C ASP B 13 12.17 0.48 -2.44
N PRO B 14 12.95 -0.22 -3.29
CA PRO B 14 14.10 0.36 -3.97
C PRO B 14 13.73 1.00 -5.30
N NH2 B 15 13.26 2.22 -5.24
HN1 NH2 B 15 13.19 2.65 -4.36
HN2 NH2 B 15 13.01 2.67 -6.09
N LEU A 1 -6.54 5.39 -11.42
CA LEU A 1 -7.03 6.74 -11.75
C LEU A 1 -5.85 7.66 -12.06
N GLY A 2 -4.97 7.85 -11.08
CA GLY A 2 -3.85 8.75 -11.28
C GLY A 2 -3.18 9.22 -9.99
N PRO A 3 -3.92 9.82 -9.04
CA PRO A 3 -3.32 10.47 -7.88
C PRO A 3 -3.15 9.53 -6.68
N LEU A 4 -2.10 9.80 -5.90
CA LEU A 4 -1.82 9.04 -4.69
C LEU A 4 -1.96 9.98 -3.48
N PRO A 5 -2.88 9.67 -2.55
CA PRO A 5 -3.12 10.48 -1.36
C PRO A 5 -1.89 10.57 -0.45
N PRO A 6 -1.59 11.77 0.09
CA PRO A 6 -0.49 11.98 1.03
C PRO A 6 -0.63 11.09 2.27
N GLY A 7 0.47 10.46 2.67
CA GLY A 7 0.45 9.60 3.83
C GLY A 7 0.40 8.14 3.45
N TRP A 8 0.34 7.90 2.14
CA TRP A 8 0.27 6.55 1.62
C TRP A 8 1.64 5.97 1.38
N GLU A 9 2.00 5.02 2.22
CA GLU A 9 3.23 4.28 2.02
C GLU A 9 2.91 3.03 1.22
N VAL A 10 3.55 2.85 0.09
CA VAL A 10 3.28 1.69 -0.73
C VAL A 10 4.18 0.55 -0.33
N ARG A 11 3.62 -0.46 0.30
CA ARG A 11 4.41 -1.59 0.71
C ARG A 11 4.28 -2.68 -0.36
N SER A 12 5.24 -2.66 -1.27
CA SER A 12 5.25 -3.56 -2.40
C SER A 12 6.23 -4.71 -2.16
N THR A 13 5.69 -5.91 -2.08
CA THR A 13 6.52 -7.08 -1.82
C THR A 13 6.88 -7.78 -3.12
N VAL A 14 8.10 -8.33 -3.15
CA VAL A 14 8.61 -9.06 -4.32
C VAL A 14 7.72 -10.26 -4.66
N SER A 15 6.87 -10.63 -3.72
CA SER A 15 5.87 -11.68 -3.93
C SER A 15 4.95 -11.34 -5.10
N GLY A 16 4.99 -10.07 -5.53
CA GLY A 16 4.17 -9.63 -6.64
C GLY A 16 2.82 -9.14 -6.19
N ARG A 17 2.82 -8.32 -5.14
CA ARG A 17 1.59 -7.72 -4.64
C ARG A 17 1.86 -6.35 -4.04
N ILE A 18 1.16 -5.35 -4.55
CA ILE A 18 1.19 -4.03 -3.96
C ILE A 18 0.04 -3.95 -2.96
N TYR A 19 0.31 -3.46 -1.76
CA TYR A 19 -0.69 -3.51 -0.70
C TYR A 19 -0.45 -2.34 0.21
N PHE A 20 -1.52 -1.67 0.56
CA PHE A 20 -1.39 -0.39 1.15
C PHE A 20 -1.27 -0.37 2.64
N VAL A 21 -0.36 0.47 3.07
CA VAL A 21 -0.08 0.71 4.44
C VAL A 21 0.08 2.22 4.65
N ASP A 22 -1.02 2.87 4.94
CA ASP A 22 -1.00 4.31 5.13
C ASP A 22 -0.80 4.63 6.60
N HIS A 23 0.29 5.32 6.90
CA HIS A 23 0.64 5.59 8.29
C HIS A 23 -0.09 6.84 8.79
N ASN A 24 -0.70 7.57 7.86
CA ASN A 24 -1.32 8.85 8.19
C ASN A 24 -2.72 8.66 8.76
N ASN A 25 -3.59 8.02 7.99
CA ASN A 25 -4.95 7.74 8.45
C ASN A 25 -5.04 6.34 9.06
N ARG A 26 -4.02 5.52 8.79
CA ARG A 26 -4.01 4.12 9.18
C ARG A 26 -5.06 3.34 8.38
N THR A 27 -4.64 2.84 7.23
CA THR A 27 -5.52 2.05 6.39
C THR A 27 -4.71 1.03 5.59
N THR A 28 -5.32 -0.10 5.29
CA THR A 28 -4.66 -1.15 4.52
C THR A 28 -5.56 -1.62 3.38
N GLN A 29 -5.09 -1.44 2.15
CA GLN A 29 -5.94 -1.67 0.97
C GLN A 29 -5.14 -2.30 -0.18
N PHE A 30 -5.68 -3.37 -0.78
CA PHE A 30 -5.10 -3.91 -2.01
C PHE A 30 -5.41 -3.00 -3.21
N THR A 31 -6.36 -2.09 -3.01
CA THR A 31 -6.81 -1.20 -4.06
C THR A 31 -5.84 -0.03 -4.26
N ASP A 32 -5.13 -0.04 -5.38
CA ASP A 32 -4.19 1.04 -5.72
C ASP A 32 -4.87 2.04 -6.66
N PRO A 33 -4.85 3.33 -6.31
CA PRO A 33 -5.50 4.39 -7.09
C PRO A 33 -4.65 4.95 -8.23
N ARG A 34 -3.35 4.67 -8.22
CA ARG A 34 -2.41 5.33 -9.13
C ARG A 34 -2.61 4.93 -10.59
N LEU A 35 -2.96 3.67 -10.82
CA LEU A 35 -3.16 3.19 -12.19
C LEU A 35 -4.60 3.39 -12.62
N ASP B 2 -3.41 -13.87 -3.03
CA ASP B 2 -2.84 -13.21 -1.84
C ASP B 2 -3.95 -12.79 -0.89
N THR B 3 -3.75 -13.09 0.38
CA THR B 3 -4.74 -12.85 1.42
C THR B 3 -4.94 -11.35 1.67
N PRO B 4 -6.16 -10.94 2.11
CA PRO B 4 -6.51 -9.52 2.33
C PRO B 4 -5.46 -8.76 3.13
N PRO B 5 -5.40 -7.43 2.91
CA PRO B 5 -4.30 -6.57 3.37
C PRO B 5 -3.93 -6.75 4.84
N PRO B 6 -2.67 -7.13 5.07
CA PRO B 6 -2.06 -7.21 6.40
C PRO B 6 -2.13 -5.89 7.18
N ALA B 7 -1.65 -5.91 8.42
CA ALA B 7 -1.50 -4.70 9.20
C ALA B 7 -0.47 -3.79 8.52
N TYR B 8 -0.48 -2.50 8.83
CA TYR B 8 0.34 -1.58 8.07
C TYR B 8 1.74 -1.43 8.66
N LEU B 9 2.70 -1.49 7.77
CA LEU B 9 4.11 -1.38 8.07
C LEU B 9 4.72 -0.35 7.12
N PRO B 10 5.89 0.22 7.43
CA PRO B 10 6.53 1.16 6.52
C PRO B 10 7.41 0.43 5.50
N PRO B 11 7.51 0.99 4.27
CA PRO B 11 7.64 0.19 3.06
C PRO B 11 9.05 -0.16 2.62
N GLU B 12 9.13 -1.28 1.93
CA GLU B 12 10.32 -1.69 1.21
C GLU B 12 9.98 -1.76 -0.28
N ASP B 13 10.77 -1.13 -1.15
CA ASP B 13 10.50 -1.16 -2.58
C ASP B 13 11.81 -1.07 -3.35
N PRO B 14 12.17 -2.13 -4.09
CA PRO B 14 13.41 -2.19 -4.87
C PRO B 14 13.49 -1.09 -5.92
N NH2 B 15 12.71 -1.24 -6.99
HN1 NH2 B 15 12.13 -2.02 -7.03
HN2 NH2 B 15 12.75 -0.55 -7.68
N LEU A 1 -5.05 5.59 -14.06
CA LEU A 1 -4.64 6.84 -13.37
C LEU A 1 -5.47 7.05 -12.10
N GLY A 2 -4.82 7.57 -11.07
CA GLY A 2 -5.49 7.83 -9.82
C GLY A 2 -4.69 8.72 -8.90
N PRO A 3 -5.28 9.18 -7.79
CA PRO A 3 -4.63 10.10 -6.85
C PRO A 3 -3.87 9.37 -5.76
N LEU A 4 -2.76 9.97 -5.32
CA LEU A 4 -1.97 9.40 -4.24
C LEU A 4 -1.68 10.47 -3.19
N PRO A 5 -2.42 10.43 -2.08
CA PRO A 5 -2.25 11.40 -0.98
C PRO A 5 -1.02 11.12 -0.13
N PRO A 6 -0.24 12.16 0.21
CA PRO A 6 0.92 12.04 1.09
C PRO A 6 0.55 11.39 2.41
N GLY A 7 1.13 10.23 2.65
CA GLY A 7 0.74 9.42 3.80
C GLY A 7 0.37 8.02 3.36
N TRP A 8 0.20 7.88 2.04
CA TRP A 8 -0.05 6.58 1.44
C TRP A 8 1.28 5.92 1.09
N GLU A 9 1.71 5.03 1.94
CA GLU A 9 2.94 4.32 1.71
C GLU A 9 2.66 3.05 0.94
N VAL A 10 3.34 2.88 -0.17
CA VAL A 10 3.13 1.70 -0.99
C VAL A 10 4.07 0.59 -0.54
N ARG A 11 3.55 -0.35 0.22
CA ARG A 11 4.38 -1.43 0.66
C ARG A 11 4.26 -2.55 -0.35
N SER A 12 5.25 -2.61 -1.23
CA SER A 12 5.27 -3.55 -2.33
C SER A 12 6.12 -4.76 -1.97
N THR A 13 5.69 -5.93 -2.39
CA THR A 13 6.43 -7.14 -2.13
C THR A 13 6.67 -7.94 -3.40
N VAL A 14 7.80 -8.62 -3.46
CA VAL A 14 8.29 -9.29 -4.67
C VAL A 14 7.33 -10.37 -5.17
N SER A 15 6.39 -10.77 -4.33
CA SER A 15 5.35 -11.71 -4.72
C SER A 15 4.48 -11.13 -5.84
N GLY A 16 4.60 -9.82 -6.06
CA GLY A 16 3.81 -9.15 -7.07
C GLY A 16 2.50 -8.63 -6.51
N ARG A 17 2.53 -8.25 -5.24
CA ARG A 17 1.34 -7.74 -4.58
C ARG A 17 1.65 -6.42 -3.87
N ILE A 18 1.01 -5.36 -4.33
CA ILE A 18 1.09 -4.07 -3.67
C ILE A 18 -0.04 -4.00 -2.65
N TYR A 19 0.23 -3.42 -1.50
CA TYR A 19 -0.74 -3.47 -0.42
C TYR A 19 -0.55 -2.23 0.39
N PHE A 20 -1.64 -1.58 0.67
CA PHE A 20 -1.58 -0.27 1.19
C PHE A 20 -1.51 -0.18 2.67
N VAL A 21 -0.57 0.64 3.07
CA VAL A 21 -0.28 0.90 4.44
C VAL A 21 -0.16 2.42 4.62
N ASP A 22 -1.27 3.06 4.92
CA ASP A 22 -1.25 4.50 5.14
C ASP A 22 -1.00 4.74 6.62
N HIS A 23 0.05 5.51 6.88
CA HIS A 23 0.59 5.62 8.23
C HIS A 23 -0.22 6.56 9.12
N ASN A 24 -0.95 7.49 8.53
CA ASN A 24 -1.61 8.53 9.31
C ASN A 24 -3.07 8.23 9.57
N ASN A 25 -3.73 7.58 8.64
CA ASN A 25 -5.13 7.18 8.86
C ASN A 25 -5.23 5.71 9.25
N ARG A 26 -4.15 4.95 9.02
CA ARG A 26 -4.14 3.50 9.27
C ARG A 26 -5.05 2.77 8.28
N THR A 27 -4.82 3.02 7.00
CA THR A 27 -5.64 2.42 5.95
C THR A 27 -4.88 1.29 5.25
N THR A 28 -5.58 0.19 4.99
CA THR A 28 -4.98 -0.98 4.36
C THR A 28 -5.82 -1.47 3.18
N GLN A 29 -5.26 -1.43 1.97
CA GLN A 29 -6.03 -1.79 0.75
C GLN A 29 -5.14 -2.42 -0.33
N PHE A 30 -5.59 -3.51 -0.95
CA PHE A 30 -4.87 -4.08 -2.09
C PHE A 30 -5.07 -3.26 -3.35
N THR A 31 -6.15 -2.50 -3.41
CA THR A 31 -6.45 -1.71 -4.59
C THR A 31 -5.52 -0.50 -4.66
N ASP A 32 -4.84 -0.36 -5.79
CA ASP A 32 -3.84 0.69 -5.96
C ASP A 32 -4.27 1.66 -7.06
N PRO A 33 -4.48 2.94 -6.68
CA PRO A 33 -4.91 3.99 -7.60
C PRO A 33 -3.82 4.44 -8.58
N ARG A 34 -2.58 4.06 -8.29
CA ARG A 34 -1.43 4.50 -9.09
C ARG A 34 -1.44 3.96 -10.51
N LEU A 35 -2.28 2.94 -10.77
CA LEU A 35 -2.38 2.37 -12.10
C LEU A 35 -3.24 3.26 -13.00
N ASP B 2 -3.17 -13.77 -2.74
CA ASP B 2 -2.98 -12.71 -1.73
C ASP B 2 -4.08 -12.76 -0.66
N THR B 3 -3.67 -12.78 0.59
CA THR B 3 -4.58 -12.69 1.71
C THR B 3 -4.87 -11.23 2.03
N PRO B 4 -6.07 -10.92 2.58
CA PRO B 4 -6.52 -9.54 2.82
C PRO B 4 -5.46 -8.68 3.50
N PRO B 5 -5.41 -7.38 3.15
CA PRO B 5 -4.32 -6.48 3.54
C PRO B 5 -4.03 -6.51 5.04
N PRO B 6 -2.79 -6.89 5.39
CA PRO B 6 -2.33 -6.98 6.77
C PRO B 6 -2.11 -5.62 7.40
N ALA B 7 -1.69 -5.61 8.67
CA ALA B 7 -1.39 -4.38 9.39
C ALA B 7 -0.35 -3.54 8.64
N TYR B 8 -0.32 -2.26 8.91
CA TYR B 8 0.48 -1.36 8.09
C TYR B 8 1.90 -1.21 8.63
N LEU B 9 2.82 -1.28 7.70
CA LEU B 9 4.24 -1.09 7.94
C LEU B 9 4.78 -0.08 6.93
N PRO B 10 5.93 0.55 7.17
CA PRO B 10 6.47 1.49 6.21
C PRO B 10 7.35 0.77 5.19
N PRO B 11 7.44 1.32 3.97
CA PRO B 11 7.60 0.52 2.77
C PRO B 11 9.03 0.20 2.35
N GLU B 12 9.21 -1.04 1.94
CA GLU B 12 10.42 -1.44 1.24
C GLU B 12 10.04 -1.60 -0.24
N ASP B 13 10.65 -0.82 -1.13
CA ASP B 13 10.22 -0.80 -2.52
C ASP B 13 11.42 -0.80 -3.46
N PRO B 14 11.60 -1.86 -4.23
CA PRO B 14 12.70 -1.99 -5.18
C PRO B 14 12.41 -1.27 -6.49
N NH2 B 15 12.54 0.05 -6.46
HN1 NH2 B 15 12.80 0.47 -5.62
HN2 NH2 B 15 12.38 0.54 -7.29
N LEU A 1 -5.90 4.98 -11.10
CA LEU A 1 -6.39 6.20 -11.78
C LEU A 1 -5.24 7.14 -12.11
N GLY A 2 -4.14 7.06 -11.36
CA GLY A 2 -3.00 7.91 -11.64
C GLY A 2 -2.33 8.49 -10.41
N PRO A 3 -3.04 9.30 -9.60
CA PRO A 3 -2.43 10.09 -8.52
C PRO A 3 -2.35 9.37 -7.18
N LEU A 4 -1.32 9.72 -6.40
CA LEU A 4 -1.12 9.14 -5.08
C LEU A 4 -1.23 10.24 -4.02
N PRO A 5 -2.21 10.13 -3.12
CA PRO A 5 -2.43 11.11 -2.05
C PRO A 5 -1.33 11.06 -0.99
N PRO A 6 -0.88 12.23 -0.52
CA PRO A 6 0.11 12.32 0.57
C PRO A 6 -0.37 11.65 1.84
N GLY A 7 0.47 10.79 2.41
CA GLY A 7 0.08 10.01 3.55
C GLY A 7 0.00 8.54 3.22
N TRP A 8 0.00 8.27 1.92
CA TRP A 8 -0.06 6.91 1.43
C TRP A 8 1.32 6.34 1.25
N GLU A 9 1.70 5.45 2.15
CA GLU A 9 2.92 4.70 1.98
C GLU A 9 2.62 3.43 1.22
N VAL A 10 3.14 3.34 0.02
CA VAL A 10 2.87 2.21 -0.84
C VAL A 10 3.90 1.12 -0.60
N ARG A 11 3.48 0.07 0.10
CA ARG A 11 4.39 -1.00 0.45
C ARG A 11 4.24 -2.12 -0.57
N SER A 12 5.11 -2.13 -1.56
CA SER A 12 5.04 -3.09 -2.64
C SER A 12 6.04 -4.23 -2.42
N THR A 13 5.54 -5.45 -2.36
CA THR A 13 6.38 -6.59 -2.06
C THR A 13 6.72 -7.39 -3.31
N VAL A 14 7.90 -8.02 -3.28
CA VAL A 14 8.44 -8.75 -4.42
C VAL A 14 7.55 -9.92 -4.84
N SER A 15 6.61 -10.28 -3.97
CA SER A 15 5.63 -11.31 -4.26
C SER A 15 4.77 -10.93 -5.48
N GLY A 16 4.84 -9.66 -5.85
CA GLY A 16 4.05 -9.16 -6.97
C GLY A 16 2.70 -8.66 -6.50
N ARG A 17 2.69 -8.05 -5.33
CA ARG A 17 1.45 -7.58 -4.73
C ARG A 17 1.66 -6.25 -4.02
N ILE A 18 0.89 -5.25 -4.43
CA ILE A 18 0.91 -3.95 -3.80
C ILE A 18 -0.12 -3.94 -2.67
N TYR A 19 0.22 -3.34 -1.55
CA TYR A 19 -0.68 -3.36 -0.41
C TYR A 19 -0.44 -2.10 0.38
N PHE A 20 -1.51 -1.46 0.75
CA PHE A 20 -1.40 -0.14 1.26
C PHE A 20 -1.30 -0.05 2.74
N VAL A 21 -0.40 0.82 3.15
CA VAL A 21 -0.17 1.12 4.52
C VAL A 21 -0.22 2.65 4.71
N ASP A 22 -1.39 3.14 5.03
CA ASP A 22 -1.50 4.54 5.37
C ASP A 22 -1.30 4.65 6.87
N HIS A 23 -0.31 5.46 7.25
CA HIS A 23 0.19 5.44 8.60
C HIS A 23 -0.60 6.36 9.53
N ASN A 24 -1.34 7.31 8.96
CA ASN A 24 -2.00 8.33 9.79
C ASN A 24 -3.46 7.99 10.04
N ASN A 25 -4.14 7.42 9.05
CA ASN A 25 -5.50 6.94 9.26
C ASN A 25 -5.51 5.47 9.66
N ARG A 26 -4.37 4.81 9.45
CA ARG A 26 -4.19 3.41 9.79
C ARG A 26 -5.19 2.53 9.05
N THR A 27 -4.90 2.27 7.79
CA THR A 27 -5.72 1.36 7.01
C THR A 27 -4.88 0.66 5.94
N THR A 28 -5.28 -0.56 5.60
CA THR A 28 -4.55 -1.37 4.65
C THR A 28 -5.43 -1.73 3.45
N GLN A 29 -5.07 -1.23 2.28
CA GLN A 29 -5.89 -1.40 1.09
C GLN A 29 -5.16 -2.10 -0.05
N PHE A 30 -5.79 -3.09 -0.64
CA PHE A 30 -5.26 -3.72 -1.85
C PHE A 30 -5.65 -2.90 -3.08
N THR A 31 -6.62 -2.01 -2.90
CA THR A 31 -7.05 -1.14 -3.97
C THR A 31 -6.07 0.02 -4.15
N ASP A 32 -5.30 -0.05 -5.22
CA ASP A 32 -4.28 0.95 -5.51
C ASP A 32 -4.79 2.01 -6.49
N PRO A 33 -4.51 3.29 -6.20
CA PRO A 33 -4.87 4.41 -7.07
C PRO A 33 -3.86 4.67 -8.19
N ARG A 34 -2.67 4.09 -8.08
CA ARG A 34 -1.58 4.35 -9.02
C ARG A 34 -1.87 3.78 -10.41
N LEU A 35 -2.29 2.52 -10.49
CA LEU A 35 -2.65 1.95 -11.79
C LEU A 35 -4.10 2.27 -12.16
N ASP B 2 -5.00 -10.40 -3.54
CA ASP B 2 -4.21 -11.33 -2.69
C ASP B 2 -5.01 -11.65 -1.43
N THR B 3 -4.44 -12.47 -0.56
CA THR B 3 -5.08 -12.81 0.71
C THR B 3 -5.20 -11.58 1.60
N PRO B 4 -6.04 -11.63 2.66
CA PRO B 4 -6.34 -10.46 3.49
C PRO B 4 -5.09 -9.70 3.93
N PRO B 5 -5.12 -8.35 3.79
CA PRO B 5 -3.91 -7.52 3.94
C PRO B 5 -3.29 -7.61 5.33
N PRO B 6 -1.94 -7.65 5.37
CA PRO B 6 -1.15 -7.65 6.60
C PRO B 6 -1.35 -6.36 7.41
N ALA B 7 -0.68 -6.28 8.55
CA ALA B 7 -0.64 -5.04 9.32
C ALA B 7 0.17 -4.01 8.54
N TYR B 8 0.01 -2.74 8.86
CA TYR B 8 0.65 -1.70 8.07
C TYR B 8 2.03 -1.38 8.59
N LEU B 9 2.99 -1.47 7.70
CA LEU B 9 4.37 -1.09 7.96
C LEU B 9 4.82 -0.18 6.83
N PRO B 10 5.89 0.60 7.01
CA PRO B 10 6.27 1.61 6.02
C PRO B 10 7.18 1.02 4.96
N PRO B 11 7.25 1.70 3.80
CA PRO B 11 7.38 1.04 2.51
C PRO B 11 8.80 0.77 2.04
N GLU B 12 8.98 -0.48 1.61
CA GLU B 12 10.16 -0.92 0.91
C GLU B 12 9.75 -1.33 -0.50
N ASP B 13 10.55 -1.02 -1.50
CA ASP B 13 10.23 -1.38 -2.87
C ASP B 13 11.47 -1.83 -3.63
N PRO B 14 11.47 -3.07 -4.11
CA PRO B 14 12.57 -3.63 -4.88
C PRO B 14 12.37 -3.43 -6.39
N NH2 B 15 12.40 -2.18 -6.82
HN1 NH2 B 15 12.52 -1.47 -6.16
HN2 NH2 B 15 12.29 -2.02 -7.78
N LEU A 1 -1.04 4.34 -13.41
CA LEU A 1 -0.74 5.73 -12.98
C LEU A 1 -2.01 6.39 -12.42
N GLY A 2 -1.83 7.29 -11.46
CA GLY A 2 -2.96 7.97 -10.87
C GLY A 2 -2.57 8.86 -9.71
N PRO A 3 -3.54 9.40 -8.98
CA PRO A 3 -3.29 10.32 -7.88
C PRO A 3 -3.11 9.60 -6.54
N LEU A 4 -2.11 10.03 -5.79
CA LEU A 4 -1.83 9.42 -4.50
C LEU A 4 -2.16 10.40 -3.37
N PRO A 5 -3.12 10.02 -2.51
CA PRO A 5 -3.52 10.86 -1.37
C PRO A 5 -2.42 10.96 -0.32
N PRO A 6 -2.25 12.17 0.24
CA PRO A 6 -1.24 12.41 1.29
C PRO A 6 -1.46 11.52 2.50
N GLY A 7 -0.46 10.71 2.83
CA GLY A 7 -0.59 9.77 3.93
C GLY A 7 -0.50 8.34 3.44
N TRP A 8 -0.58 8.17 2.13
CA TRP A 8 -0.56 6.85 1.52
C TRP A 8 0.85 6.41 1.20
N GLU A 9 1.33 5.44 1.95
CA GLU A 9 2.56 4.77 1.64
C GLU A 9 2.26 3.48 0.90
N VAL A 10 2.74 3.37 -0.32
CA VAL A 10 2.47 2.21 -1.14
C VAL A 10 3.55 1.15 -0.92
N ARG A 11 3.19 0.11 -0.16
CA ARG A 11 4.15 -0.91 0.21
C ARG A 11 4.02 -2.11 -0.74
N SER A 12 4.94 -2.20 -1.67
CA SER A 12 4.93 -3.27 -2.66
C SER A 12 5.74 -4.46 -2.17
N THR A 13 5.26 -5.67 -2.44
CA THR A 13 5.92 -6.87 -1.97
C THR A 13 6.11 -7.90 -3.10
N VAL A 14 7.21 -8.67 -2.98
CA VAL A 14 7.67 -9.57 -4.05
C VAL A 14 6.70 -10.71 -4.33
N SER A 15 5.75 -10.93 -3.42
CA SER A 15 4.71 -11.93 -3.62
C SER A 15 3.87 -11.59 -4.86
N GLY A 16 4.01 -10.36 -5.34
CA GLY A 16 3.25 -9.91 -6.48
C GLY A 16 1.93 -9.29 -6.08
N ARG A 17 2.00 -8.43 -5.06
CA ARG A 17 0.82 -7.71 -4.61
C ARG A 17 1.21 -6.35 -4.05
N ILE A 18 0.46 -5.33 -4.45
CA ILE A 18 0.56 -4.02 -3.86
C ILE A 18 -0.43 -3.96 -2.70
N TYR A 19 -0.05 -3.35 -1.59
CA TYR A 19 -0.90 -3.40 -0.41
C TYR A 19 -0.65 -2.14 0.38
N PHE A 20 -1.72 -1.51 0.78
CA PHE A 20 -1.61 -0.20 1.31
C PHE A 20 -1.42 -0.12 2.78
N VAL A 21 -0.53 0.79 3.11
CA VAL A 21 -0.18 1.09 4.46
C VAL A 21 -0.18 2.61 4.64
N ASP A 22 -1.31 3.16 5.02
CA ASP A 22 -1.36 4.57 5.28
C ASP A 22 -1.03 4.74 6.75
N HIS A 23 0.01 5.52 7.01
CA HIS A 23 0.64 5.50 8.32
C HIS A 23 -0.05 6.42 9.33
N ASN A 24 -0.80 7.40 8.87
CA ASN A 24 -1.38 8.38 9.79
C ASN A 24 -2.83 8.07 10.12
N ASN A 25 -3.57 7.52 9.17
CA ASN A 25 -4.93 7.05 9.47
C ASN A 25 -4.87 5.59 9.92
N ARG A 26 -3.85 4.87 9.45
CA ARG A 26 -3.68 3.44 9.71
C ARG A 26 -4.77 2.64 9.01
N THR A 27 -4.55 2.37 7.74
CA THR A 27 -5.48 1.57 6.96
C THR A 27 -4.72 0.69 5.97
N THR A 28 -5.30 -0.47 5.67
CA THR A 28 -4.69 -1.42 4.76
C THR A 28 -5.59 -1.67 3.56
N GLN A 29 -5.17 -1.22 2.39
CA GLN A 29 -6.01 -1.22 1.19
C GLN A 29 -5.38 -2.01 0.05
N PHE A 30 -6.11 -2.98 -0.52
CA PHE A 30 -5.62 -3.71 -1.69
C PHE A 30 -5.93 -2.97 -2.97
N THR A 31 -6.82 -1.99 -2.90
CA THR A 31 -7.17 -1.17 -4.06
C THR A 31 -6.13 -0.07 -4.25
N ASP A 32 -5.45 -0.09 -5.39
CA ASP A 32 -4.37 0.85 -5.66
C ASP A 32 -4.73 1.82 -6.77
N PRO A 33 -4.48 3.12 -6.57
CA PRO A 33 -4.63 4.13 -7.60
C PRO A 33 -3.35 4.35 -8.42
N ARG A 34 -2.21 3.85 -7.92
CA ARG A 34 -0.91 4.16 -8.52
C ARG A 34 -0.58 3.29 -9.73
N LEU A 35 -0.96 2.02 -9.68
CA LEU A 35 -0.61 1.07 -10.73
C LEU A 35 -1.06 1.56 -12.12
N ASP B 2 -6.25 -10.80 -3.53
CA ASP B 2 -5.18 -11.46 -2.76
C ASP B 2 -5.70 -11.77 -1.36
N THR B 3 -4.91 -12.53 -0.60
CA THR B 3 -5.28 -12.88 0.77
C THR B 3 -5.31 -11.64 1.66
N PRO B 4 -6.03 -11.69 2.80
CA PRO B 4 -6.27 -10.52 3.65
C PRO B 4 -5.00 -9.73 3.95
N PRO B 5 -5.10 -8.38 3.92
CA PRO B 5 -3.93 -7.50 4.04
C PRO B 5 -3.24 -7.60 5.40
N PRO B 6 -1.91 -7.58 5.39
CA PRO B 6 -1.09 -7.59 6.60
C PRO B 6 -1.25 -6.31 7.40
N ALA B 7 -0.57 -6.23 8.54
CA ALA B 7 -0.48 -4.98 9.28
C ALA B 7 0.28 -3.97 8.44
N TYR B 8 0.20 -2.69 8.79
CA TYR B 8 0.79 -1.67 7.96
C TYR B 8 2.24 -1.40 8.35
N LEU B 9 3.12 -1.52 7.37
CA LEU B 9 4.53 -1.19 7.51
C LEU B 9 4.92 -0.27 6.37
N PRO B 10 6.02 0.47 6.45
CA PRO B 10 6.38 1.44 5.42
C PRO B 10 7.21 0.80 4.31
N PRO B 11 7.25 1.45 3.13
CA PRO B 11 7.40 0.75 1.86
C PRO B 11 8.83 0.54 1.39
N GLU B 12 9.03 -0.62 0.77
CA GLU B 12 10.29 -0.97 0.15
C GLU B 12 10.09 -1.19 -1.36
N ASP B 13 10.43 -0.19 -2.18
CA ASP B 13 10.20 -0.29 -3.61
C ASP B 13 11.36 0.35 -4.38
N PRO B 14 12.05 -0.43 -5.21
CA PRO B 14 13.15 0.05 -6.02
C PRO B 14 12.68 0.80 -7.26
N NH2 B 15 12.48 2.11 -7.13
HN1 NH2 B 15 12.65 2.51 -6.25
HN2 NH2 B 15 12.17 2.62 -7.90
N LEU A 1 -6.39 4.85 -11.27
CA LEU A 1 -7.23 5.99 -11.66
C LEU A 1 -6.36 7.20 -12.01
N GLY A 2 -5.58 7.68 -11.04
CA GLY A 2 -4.74 8.83 -11.31
C GLY A 2 -3.95 9.31 -10.10
N PRO A 3 -4.62 9.91 -9.09
CA PRO A 3 -3.94 10.58 -7.98
C PRO A 3 -3.63 9.67 -6.80
N LEU A 4 -2.54 9.97 -6.12
CA LEU A 4 -2.12 9.23 -4.94
C LEU A 4 -2.34 10.09 -3.70
N PRO A 5 -3.22 9.65 -2.78
CA PRO A 5 -3.52 10.40 -1.56
C PRO A 5 -2.30 10.57 -0.65
N PRO A 6 -2.10 11.79 -0.13
CA PRO A 6 -0.99 12.09 0.78
C PRO A 6 -1.07 11.29 2.08
N GLY A 7 -0.02 10.57 2.40
CA GLY A 7 -0.01 9.73 3.57
C GLY A 7 0.06 8.27 3.22
N TRP A 8 0.02 7.98 1.93
CA TRP A 8 0.05 6.62 1.43
C TRP A 8 1.47 6.15 1.22
N GLU A 9 1.88 5.20 2.05
CA GLU A 9 3.16 4.57 1.87
C GLU A 9 2.92 3.27 1.12
N VAL A 10 3.55 3.10 -0.02
CA VAL A 10 3.32 1.93 -0.82
C VAL A 10 4.30 0.84 -0.40
N ARG A 11 3.77 -0.21 0.20
CA ARG A 11 4.62 -1.27 0.67
C ARG A 11 4.54 -2.43 -0.33
N SER A 12 5.52 -2.46 -1.22
CA SER A 12 5.52 -3.42 -2.32
C SER A 12 6.46 -4.58 -2.01
N THR A 13 5.94 -5.79 -2.10
CA THR A 13 6.72 -6.97 -1.78
C THR A 13 7.15 -7.71 -3.04
N VAL A 14 8.32 -8.34 -2.99
CA VAL A 14 8.91 -9.06 -4.12
C VAL A 14 8.00 -10.21 -4.56
N SER A 15 7.04 -10.56 -3.71
CA SER A 15 6.01 -11.52 -4.03
C SER A 15 5.21 -11.09 -5.26
N GLY A 16 5.34 -9.83 -5.64
CA GLY A 16 4.67 -9.32 -6.83
C GLY A 16 3.32 -8.75 -6.51
N ARG A 17 3.23 -8.05 -5.39
CA ARG A 17 1.97 -7.45 -4.98
C ARG A 17 2.23 -6.18 -4.18
N ILE A 18 1.60 -5.09 -4.62
CA ILE A 18 1.64 -3.84 -3.87
C ILE A 18 0.44 -3.84 -2.93
N TYR A 19 0.63 -3.32 -1.74
CA TYR A 19 -0.40 -3.40 -0.72
C TYR A 19 -0.25 -2.20 0.16
N PHE A 20 -1.35 -1.54 0.41
CA PHE A 20 -1.28 -0.24 0.97
C PHE A 20 -1.27 -0.20 2.45
N VAL A 21 -0.47 0.72 2.91
CA VAL A 21 -0.22 0.94 4.30
C VAL A 21 -0.02 2.44 4.52
N ASP A 22 -1.10 3.14 4.79
CA ASP A 22 -1.01 4.56 5.04
C ASP A 22 -0.77 4.78 6.52
N HIS A 23 0.31 5.47 6.82
CA HIS A 23 0.78 5.59 8.19
C HIS A 23 0.01 6.66 8.95
N ASN A 24 -0.68 7.53 8.21
CA ASN A 24 -1.34 8.67 8.82
C ASN A 24 -2.75 8.32 9.29
N ASN A 25 -3.52 7.66 8.45
CA ASN A 25 -4.85 7.21 8.84
C ASN A 25 -4.84 5.77 9.36
N ARG A 26 -3.74 5.07 9.08
CA ARG A 26 -3.60 3.67 9.45
C ARG A 26 -4.66 2.82 8.75
N THR A 27 -4.44 2.58 7.47
CA THR A 27 -5.36 1.78 6.67
C THR A 27 -4.57 0.90 5.71
N THR A 28 -5.13 -0.27 5.38
CA THR A 28 -4.50 -1.15 4.42
C THR A 28 -5.48 -1.56 3.32
N GLN A 29 -5.07 -1.36 2.07
CA GLN A 29 -5.93 -1.60 0.92
C GLN A 29 -5.13 -2.19 -0.24
N PHE A 30 -5.73 -3.08 -1.00
CA PHE A 30 -5.09 -3.62 -2.20
C PHE A 30 -5.39 -2.75 -3.42
N THR A 31 -6.37 -1.88 -3.27
CA THR A 31 -6.77 -0.97 -4.33
C THR A 31 -5.78 0.18 -4.48
N ASP A 32 -5.07 0.20 -5.61
CA ASP A 32 -4.13 1.29 -5.89
C ASP A 32 -4.86 2.39 -6.67
N PRO A 33 -4.76 3.65 -6.21
CA PRO A 33 -5.50 4.76 -6.81
C PRO A 33 -4.87 5.28 -8.08
N ARG A 34 -3.62 4.91 -8.34
CA ARG A 34 -2.93 5.35 -9.55
C ARG A 34 -3.10 4.28 -10.61
N LEU A 35 -2.87 3.05 -10.20
CA LEU A 35 -2.92 1.90 -11.08
C LEU A 35 -4.35 1.36 -11.14
N ASP B 2 -4.59 -10.94 -3.71
CA ASP B 2 -3.87 -11.57 -2.58
C ASP B 2 -4.77 -11.59 -1.34
N THR B 3 -4.42 -12.42 -0.36
CA THR B 3 -5.20 -12.57 0.87
C THR B 3 -5.45 -11.22 1.54
N PRO B 4 -6.51 -11.12 2.38
CA PRO B 4 -6.97 -9.84 2.95
C PRO B 4 -5.82 -9.02 3.55
N PRO B 5 -5.83 -7.69 3.29
CA PRO B 5 -4.69 -6.81 3.59
C PRO B 5 -4.21 -6.90 5.03
N PRO B 6 -2.89 -7.08 5.19
CA PRO B 6 -2.21 -7.15 6.50
C PRO B 6 -2.27 -5.84 7.28
N ALA B 7 -1.67 -5.83 8.46
CA ALA B 7 -1.46 -4.58 9.20
C ALA B 7 -0.49 -3.70 8.43
N TYR B 8 -0.39 -2.43 8.81
CA TYR B 8 0.40 -1.50 8.01
C TYR B 8 1.84 -1.39 8.48
N LEU B 9 2.73 -1.41 7.50
CA LEU B 9 4.16 -1.29 7.70
C LEU B 9 4.72 -0.22 6.77
N PRO B 10 5.91 0.32 7.04
CA PRO B 10 6.56 1.25 6.11
C PRO B 10 7.40 0.48 5.10
N PRO B 11 7.73 1.09 3.96
CA PRO B 11 7.99 0.34 2.74
C PRO B 11 9.42 -0.10 2.53
N GLU B 12 9.54 -1.38 2.18
CA GLU B 12 10.78 -1.97 1.74
C GLU B 12 10.59 -2.38 0.27
N ASP B 13 11.49 -1.97 -0.61
CA ASP B 13 11.32 -2.28 -2.02
C ASP B 13 12.68 -2.42 -2.70
N PRO B 14 12.95 -3.60 -3.27
CA PRO B 14 14.20 -3.86 -4.00
C PRO B 14 14.43 -2.85 -5.11
N NH2 B 15 13.45 -2.73 -6.00
HN1 NH2 B 15 12.66 -3.28 -5.88
HN2 NH2 B 15 13.58 -2.09 -6.74
N LEU A 1 -5.28 4.12 -11.40
CA LEU A 1 -5.80 5.25 -12.20
C LEU A 1 -6.41 6.28 -11.27
N GLY A 2 -5.75 7.42 -11.15
CA GLY A 2 -6.20 8.45 -10.24
C GLY A 2 -5.06 9.05 -9.43
N PRO A 3 -5.37 9.65 -8.28
CA PRO A 3 -4.40 10.34 -7.43
C PRO A 3 -3.82 9.45 -6.31
N LEU A 4 -2.58 9.71 -5.94
CA LEU A 4 -2.01 9.10 -4.74
C LEU A 4 -2.02 10.14 -3.61
N PRO A 5 -2.82 9.91 -2.57
CA PRO A 5 -2.92 10.83 -1.43
C PRO A 5 -1.66 10.84 -0.58
N PRO A 6 -1.21 12.04 -0.17
CA PRO A 6 -0.06 12.20 0.73
C PRO A 6 -0.27 11.48 2.06
N GLY A 7 0.69 10.67 2.44
CA GLY A 7 0.56 9.88 3.65
C GLY A 7 0.42 8.40 3.32
N TRP A 8 0.32 8.11 2.03
CA TRP A 8 0.19 6.74 1.56
C TRP A 8 1.55 6.14 1.31
N GLU A 9 1.91 5.17 2.14
CA GLU A 9 3.13 4.44 1.94
C GLU A 9 2.82 3.18 1.17
N VAL A 10 3.42 3.01 0.00
CA VAL A 10 3.16 1.84 -0.80
C VAL A 10 4.16 0.75 -0.41
N ARG A 11 3.65 -0.30 0.22
CA ARG A 11 4.53 -1.36 0.66
C ARG A 11 4.44 -2.49 -0.35
N SER A 12 5.46 -2.59 -1.17
CA SER A 12 5.47 -3.52 -2.28
C SER A 12 6.28 -4.75 -1.91
N THR A 13 5.80 -5.90 -2.32
CA THR A 13 6.50 -7.15 -2.02
C THR A 13 6.77 -7.92 -3.30
N VAL A 14 7.91 -8.63 -3.30
CA VAL A 14 8.41 -9.35 -4.48
C VAL A 14 7.42 -10.41 -4.97
N SER A 15 6.44 -10.74 -4.13
CA SER A 15 5.40 -11.69 -4.49
C SER A 15 4.59 -11.19 -5.69
N GLY A 16 4.74 -9.91 -6.02
CA GLY A 16 4.00 -9.32 -7.11
C GLY A 16 2.69 -8.76 -6.64
N ARG A 17 2.73 -8.07 -5.51
CA ARG A 17 1.52 -7.49 -4.92
C ARG A 17 1.86 -6.20 -4.18
N ILE A 18 1.20 -5.12 -4.58
CA ILE A 18 1.26 -3.88 -3.83
C ILE A 18 0.13 -3.90 -2.80
N TYR A 19 0.39 -3.38 -1.62
CA TYR A 19 -0.58 -3.48 -0.55
C TYR A 19 -0.39 -2.28 0.33
N PHE A 20 -1.47 -1.63 0.62
CA PHE A 20 -1.36 -0.32 1.17
C PHE A 20 -1.27 -0.27 2.65
N VAL A 21 -0.33 0.55 3.07
CA VAL A 21 -0.07 0.82 4.44
C VAL A 21 0.04 2.34 4.62
N ASP A 22 -1.09 2.95 4.91
CA ASP A 22 -1.10 4.39 5.13
C ASP A 22 -0.88 4.63 6.61
N HIS A 23 0.15 5.42 6.91
CA HIS A 23 0.55 5.63 8.30
C HIS A 23 -0.23 6.78 8.91
N ASN A 24 -0.91 7.56 8.07
CA ASN A 24 -1.56 8.78 8.55
C ASN A 24 -2.93 8.46 9.13
N ASN A 25 -3.81 7.91 8.32
CA ASN A 25 -5.16 7.56 8.77
C ASN A 25 -5.18 6.13 9.30
N ARG A 26 -4.12 5.38 9.00
CA ARG A 26 -4.01 3.97 9.37
C ARG A 26 -5.04 3.14 8.63
N THR A 27 -4.71 2.80 7.39
CA THR A 27 -5.61 2.02 6.57
C THR A 27 -4.82 1.18 5.57
N THR A 28 -5.38 0.03 5.20
CA THR A 28 -4.75 -0.86 4.23
C THR A 28 -5.63 -0.97 2.99
N GLN A 29 -5.00 -1.10 1.82
CA GLN A 29 -5.75 -1.12 0.57
C GLN A 29 -5.02 -1.96 -0.50
N PHE A 30 -5.72 -2.94 -1.08
CA PHE A 30 -5.13 -3.76 -2.14
C PHE A 30 -5.32 -3.15 -3.52
N THR A 31 -6.21 -2.18 -3.62
CA THR A 31 -6.41 -1.48 -4.88
C THR A 31 -5.60 -0.18 -4.89
N ASP A 32 -4.68 -0.08 -5.82
CA ASP A 32 -3.79 1.08 -5.92
C ASP A 32 -4.36 2.12 -6.87
N PRO A 33 -4.41 3.38 -6.43
CA PRO A 33 -4.93 4.49 -7.23
C PRO A 33 -3.97 4.94 -8.33
N ARG A 34 -2.71 4.53 -8.26
CA ARG A 34 -1.72 4.96 -9.24
C ARG A 34 -1.85 4.16 -10.53
N LEU A 35 -1.84 2.84 -10.41
CA LEU A 35 -1.86 1.92 -11.55
C LEU A 35 -3.01 2.23 -12.52
N ASP B 2 -5.64 -10.46 -3.64
CA ASP B 2 -4.78 -11.29 -2.78
C ASP B 2 -5.41 -11.45 -1.39
N THR B 3 -4.86 -12.35 -0.59
CA THR B 3 -5.36 -12.66 0.74
C THR B 3 -5.45 -11.39 1.60
N PRO B 4 -6.43 -11.31 2.52
CA PRO B 4 -6.72 -10.08 3.28
C PRO B 4 -5.46 -9.46 3.89
N PRO B 5 -5.30 -8.14 3.70
CA PRO B 5 -4.01 -7.46 3.90
C PRO B 5 -3.49 -7.49 5.33
N PRO B 6 -2.18 -7.67 5.44
CA PRO B 6 -1.45 -7.54 6.71
C PRO B 6 -1.66 -6.19 7.38
N ALA B 7 -1.16 -6.05 8.62
CA ALA B 7 -1.14 -4.77 9.29
C ALA B 7 -0.21 -3.82 8.52
N TYR B 8 -0.27 -2.53 8.82
CA TYR B 8 0.51 -1.59 8.03
C TYR B 8 1.90 -1.37 8.62
N LEU B 9 2.87 -1.39 7.73
CA LEU B 9 4.27 -1.18 8.06
C LEU B 9 4.83 -0.13 7.10
N PRO B 10 5.95 0.51 7.41
CA PRO B 10 6.55 1.47 6.49
C PRO B 10 7.50 0.73 5.54
N PRO B 11 7.59 1.21 4.28
CA PRO B 11 7.76 0.33 3.13
C PRO B 11 9.20 0.01 2.72
N GLU B 12 9.38 -1.25 2.35
CA GLU B 12 10.56 -1.69 1.61
C GLU B 12 10.20 -1.71 0.12
N ASP B 13 11.04 -1.13 -0.72
CA ASP B 13 10.76 -1.12 -2.16
C ASP B 13 12.06 -1.10 -2.96
N PRO B 14 12.36 -2.21 -3.66
CA PRO B 14 13.54 -2.32 -4.50
C PRO B 14 13.35 -1.63 -5.85
N NH2 B 15 13.57 -0.32 -5.87
HN1 NH2 B 15 13.85 0.12 -5.04
HN2 NH2 B 15 13.45 0.15 -6.71
N LEU A 1 -4.69 5.86 -13.12
CA LEU A 1 -4.96 7.28 -13.48
C LEU A 1 -5.44 8.09 -12.28
N GLY A 2 -5.51 7.46 -11.11
CA GLY A 2 -6.06 8.13 -9.94
C GLY A 2 -4.99 8.82 -9.12
N PRO A 3 -5.41 9.46 -8.02
CA PRO A 3 -4.52 10.25 -7.15
C PRO A 3 -3.88 9.44 -6.03
N LEU A 4 -2.65 9.79 -5.66
CA LEU A 4 -2.00 9.21 -4.50
C LEU A 4 -2.02 10.21 -3.34
N PRO A 5 -2.84 9.96 -2.32
CA PRO A 5 -2.99 10.85 -1.17
C PRO A 5 -1.75 10.88 -0.27
N PRO A 6 -1.37 12.06 0.23
CA PRO A 6 -0.25 12.20 1.15
C PRO A 6 -0.50 11.43 2.46
N GLY A 7 0.41 10.53 2.79
CA GLY A 7 0.22 9.66 3.93
C GLY A 7 0.10 8.22 3.49
N TRP A 8 0.02 8.03 2.18
CA TRP A 8 -0.06 6.70 1.60
C TRP A 8 1.32 6.18 1.30
N GLU A 9 1.76 5.23 2.11
CA GLU A 9 3.01 4.55 1.86
C GLU A 9 2.70 3.28 1.10
N VAL A 10 3.25 3.16 -0.09
CA VAL A 10 2.96 2.00 -0.91
C VAL A 10 3.98 0.92 -0.59
N ARG A 11 3.50 -0.16 0.00
CA ARG A 11 4.38 -1.23 0.41
C ARG A 11 4.29 -2.36 -0.62
N SER A 12 5.30 -2.40 -1.50
CA SER A 12 5.28 -3.33 -2.62
C SER A 12 6.17 -4.53 -2.32
N THR A 13 5.64 -5.72 -2.56
CA THR A 13 6.37 -6.94 -2.23
C THR A 13 6.59 -7.80 -3.46
N VAL A 14 7.75 -8.44 -3.50
CA VAL A 14 8.18 -9.27 -4.64
C VAL A 14 7.22 -10.43 -4.91
N SER A 15 6.35 -10.72 -3.94
CA SER A 15 5.31 -11.73 -4.11
C SER A 15 4.39 -11.38 -5.30
N GLY A 16 4.48 -10.14 -5.76
CA GLY A 16 3.66 -9.70 -6.87
C GLY A 16 2.35 -9.12 -6.40
N ARG A 17 2.42 -8.29 -5.38
CA ARG A 17 1.21 -7.69 -4.83
C ARG A 17 1.52 -6.31 -4.25
N ILE A 18 0.74 -5.31 -4.67
CA ILE A 18 0.81 -4.00 -4.06
C ILE A 18 -0.19 -3.98 -2.91
N TYR A 19 0.21 -3.46 -1.77
CA TYR A 19 -0.64 -3.54 -0.60
C TYR A 19 -0.35 -2.34 0.25
N PHE A 20 -1.39 -1.65 0.61
CA PHE A 20 -1.22 -0.35 1.16
C PHE A 20 -1.08 -0.35 2.63
N VAL A 21 -0.24 0.57 3.03
CA VAL A 21 0.04 0.81 4.41
C VAL A 21 0.09 2.33 4.60
N ASP A 22 -1.05 2.90 4.90
CA ASP A 22 -1.14 4.32 5.11
C ASP A 22 -0.94 4.60 6.59
N HIS A 23 0.10 5.38 6.88
CA HIS A 23 0.52 5.59 8.25
C HIS A 23 -0.34 6.65 8.94
N ASN A 24 -1.05 7.44 8.14
CA ASN A 24 -1.78 8.59 8.68
C ASN A 24 -3.21 8.21 9.07
N ASN A 25 -3.95 7.64 8.12
CA ASN A 25 -5.33 7.26 8.37
C ASN A 25 -5.38 5.86 8.97
N ARG A 26 -4.25 5.15 8.88
CA ARG A 26 -4.08 3.83 9.48
C ARG A 26 -4.91 2.79 8.73
N THR A 27 -4.73 2.71 7.42
CA THR A 27 -5.51 1.79 6.61
C THR A 27 -4.67 1.05 5.56
N THR A 28 -5.10 -0.16 5.25
CA THR A 28 -4.42 -1.00 4.27
C THR A 28 -5.32 -1.25 3.05
N GLN A 29 -4.71 -1.32 1.85
CA GLN A 29 -5.49 -1.38 0.61
C GLN A 29 -4.77 -2.14 -0.51
N PHE A 30 -5.37 -3.22 -1.01
CA PHE A 30 -4.75 -4.04 -2.06
C PHE A 30 -4.78 -3.39 -3.45
N THR A 31 -5.60 -2.37 -3.64
CA THR A 31 -5.65 -1.71 -4.93
C THR A 31 -4.95 -0.35 -4.88
N ASP A 32 -4.04 -0.13 -5.82
CA ASP A 32 -3.31 1.13 -5.90
C ASP A 32 -3.99 2.05 -6.90
N PRO A 33 -4.31 3.28 -6.48
CA PRO A 33 -5.10 4.22 -7.26
C PRO A 33 -4.35 4.84 -8.43
N ARG A 34 -3.02 4.71 -8.43
CA ARG A 34 -2.19 5.35 -9.43
C ARG A 34 -2.25 4.60 -10.75
N LEU A 35 -2.21 3.28 -10.67
CA LEU A 35 -2.26 2.44 -11.87
C LEU A 35 -3.61 2.60 -12.57
N ASP B 2 -4.69 -12.80 -3.04
CA ASP B 2 -3.88 -12.57 -1.82
C ASP B 2 -4.80 -12.28 -0.64
N THR B 3 -4.55 -12.96 0.47
CA THR B 3 -5.37 -12.85 1.66
C THR B 3 -5.46 -11.42 2.17
N PRO B 4 -6.52 -11.10 2.95
CA PRO B 4 -6.85 -9.73 3.35
C PRO B 4 -5.64 -8.98 3.91
N PRO B 5 -5.56 -7.66 3.60
CA PRO B 5 -4.35 -6.85 3.84
C PRO B 5 -3.84 -6.93 5.28
N PRO B 6 -2.52 -7.17 5.42
CA PRO B 6 -1.83 -7.24 6.71
C PRO B 6 -1.86 -5.91 7.47
N ALA B 7 -1.26 -5.90 8.65
CA ALA B 7 -1.05 -4.66 9.38
C ALA B 7 -0.12 -3.76 8.59
N TYR B 8 -0.12 -2.46 8.88
CA TYR B 8 0.63 -1.54 8.06
C TYR B 8 2.06 -1.33 8.58
N LEU B 9 2.98 -1.38 7.66
CA LEU B 9 4.40 -1.14 7.91
C LEU B 9 4.90 -0.13 6.90
N PRO B 10 6.03 0.54 7.12
CA PRO B 10 6.51 1.53 6.16
C PRO B 10 7.39 0.85 5.11
N PRO B 11 7.46 1.45 3.90
CA PRO B 11 7.59 0.67 2.68
C PRO B 11 9.02 0.36 2.23
N GLU B 12 9.16 -0.86 1.70
CA GLU B 12 10.41 -1.32 1.13
C GLU B 12 10.19 -1.70 -0.34
N ASP B 13 11.05 -1.23 -1.24
CA ASP B 13 11.04 -1.72 -2.61
C ASP B 13 12.44 -1.64 -3.19
N PRO B 14 13.12 -2.79 -3.28
CA PRO B 14 14.50 -2.87 -3.77
C PRO B 14 14.61 -2.53 -5.25
N NH2 B 15 14.87 -1.27 -5.55
HN1 NH2 B 15 15.00 -0.64 -4.81
HN2 NH2 B 15 14.95 -1.02 -6.49
N LEU A 1 -5.37 4.70 -11.51
CA LEU A 1 -4.14 5.21 -12.14
C LEU A 1 -4.13 6.74 -12.10
N GLY A 2 -3.06 7.32 -11.56
CA GLY A 2 -2.94 8.76 -11.53
C GLY A 2 -2.43 9.30 -10.21
N PRO A 3 -3.33 9.73 -9.33
CA PRO A 3 -2.97 10.43 -8.09
C PRO A 3 -2.73 9.49 -6.90
N LEU A 4 -1.77 9.86 -6.07
CA LEU A 4 -1.52 9.15 -4.82
C LEU A 4 -1.82 10.06 -3.64
N PRO A 5 -2.78 9.68 -2.79
CA PRO A 5 -3.17 10.49 -1.62
C PRO A 5 -2.01 10.67 -0.63
N PRO A 6 -1.80 11.89 -0.15
CA PRO A 6 -0.74 12.20 0.80
C PRO A 6 -0.85 11.38 2.07
N GLY A 7 0.23 10.70 2.44
CA GLY A 7 0.23 9.88 3.63
C GLY A 7 0.12 8.40 3.31
N TRP A 8 0.06 8.09 2.03
CA TRP A 8 -0.02 6.71 1.57
C TRP A 8 1.35 6.13 1.34
N GLU A 9 1.76 5.24 2.23
CA GLU A 9 2.97 4.51 2.03
C GLU A 9 2.66 3.23 1.26
N VAL A 10 3.15 3.15 0.05
CA VAL A 10 2.87 2.03 -0.83
C VAL A 10 3.90 0.93 -0.62
N ARG A 11 3.52 -0.10 0.13
CA ARG A 11 4.44 -1.15 0.48
C ARG A 11 4.34 -2.24 -0.58
N SER A 12 5.32 -2.27 -1.46
CA SER A 12 5.37 -3.23 -2.55
C SER A 12 6.10 -4.47 -2.09
N THR A 13 5.62 -5.64 -2.49
CA THR A 13 6.26 -6.89 -2.12
C THR A 13 6.57 -7.73 -3.35
N VAL A 14 7.75 -8.35 -3.34
CA VAL A 14 8.26 -9.13 -4.47
C VAL A 14 7.34 -10.30 -4.82
N SER A 15 6.43 -10.61 -3.91
CA SER A 15 5.41 -11.64 -4.15
C SER A 15 4.52 -11.26 -5.35
N GLY A 16 4.60 -10.00 -5.76
CA GLY A 16 3.80 -9.53 -6.88
C GLY A 16 2.47 -9.00 -6.42
N ARG A 17 2.47 -8.37 -5.26
CA ARG A 17 1.24 -7.81 -4.71
C ARG A 17 1.52 -6.47 -4.03
N ILE A 18 0.78 -5.46 -4.44
CA ILE A 18 0.86 -4.15 -3.83
C ILE A 18 -0.17 -4.09 -2.70
N TYR A 19 0.22 -3.52 -1.57
CA TYR A 19 -0.67 -3.52 -0.42
C TYR A 19 -0.37 -2.28 0.38
N PHE A 20 -1.41 -1.63 0.82
CA PHE A 20 -1.27 -0.33 1.35
C PHE A 20 -1.13 -0.25 2.82
N VAL A 21 -0.21 0.61 3.19
CA VAL A 21 0.08 0.87 4.56
C VAL A 21 0.07 2.40 4.76
N ASP A 22 -1.09 2.92 5.08
CA ASP A 22 -1.21 4.34 5.32
C ASP A 22 -0.98 4.60 6.79
N HIS A 23 0.11 5.27 7.10
CA HIS A 23 0.53 5.43 8.50
C HIS A 23 -0.19 6.61 9.14
N ASN A 24 -0.88 7.41 8.34
CA ASN A 24 -1.44 8.66 8.82
C ASN A 24 -2.88 8.48 9.28
N ASN A 25 -3.71 7.89 8.44
CA ASN A 25 -5.08 7.56 8.81
C ASN A 25 -5.11 6.14 9.40
N ARG A 26 -4.03 5.39 9.17
CA ARG A 26 -3.87 4.03 9.65
C ARG A 26 -4.90 3.10 9.01
N THR A 27 -4.61 2.72 7.76
CA THR A 27 -5.50 1.85 7.00
C THR A 27 -4.71 0.96 6.05
N THR A 28 -5.23 -0.23 5.77
CA THR A 28 -4.61 -1.14 4.83
C THR A 28 -5.54 -1.37 3.62
N GLN A 29 -4.99 -1.30 2.41
CA GLN A 29 -5.80 -1.38 1.19
C GLN A 29 -5.17 -2.34 0.17
N PHE A 30 -5.99 -3.00 -0.62
CA PHE A 30 -5.47 -3.76 -1.76
C PHE A 30 -5.64 -2.98 -3.06
N THR A 31 -6.47 -1.95 -3.04
CA THR A 31 -6.68 -1.12 -4.22
C THR A 31 -5.67 0.02 -4.28
N ASP A 32 -4.93 0.10 -5.39
CA ASP A 32 -3.94 1.14 -5.60
C ASP A 32 -4.49 2.21 -6.54
N PRO A 33 -4.34 3.50 -6.17
CA PRO A 33 -4.85 4.61 -6.97
C PRO A 33 -3.91 5.03 -8.11
N ARG A 34 -2.66 4.58 -8.06
CA ARG A 34 -1.67 4.90 -9.08
C ARG A 34 -1.60 3.82 -10.13
N LEU A 35 -1.71 2.58 -9.68
CA LEU A 35 -1.67 1.43 -10.56
C LEU A 35 -3.06 1.19 -11.14
N ASP B 2 -4.83 -12.57 -3.71
CA ASP B 2 -4.20 -12.42 -2.38
C ASP B 2 -5.25 -12.28 -1.29
N THR B 3 -5.07 -13.05 -0.23
CA THR B 3 -6.02 -13.11 0.88
C THR B 3 -6.01 -11.80 1.69
N PRO B 4 -6.90 -11.66 2.72
CA PRO B 4 -7.10 -10.40 3.45
C PRO B 4 -5.79 -9.76 3.91
N PRO B 5 -5.72 -8.42 3.81
CA PRO B 5 -4.47 -7.66 4.00
C PRO B 5 -3.88 -7.75 5.41
N PRO B 6 -2.55 -7.80 5.49
CA PRO B 6 -1.81 -7.79 6.76
C PRO B 6 -1.88 -6.42 7.44
N ALA B 7 -1.24 -6.32 8.60
CA ALA B 7 -1.11 -5.03 9.29
C ALA B 7 -0.21 -4.12 8.47
N TYR B 8 -0.24 -2.82 8.76
CA TYR B 8 0.52 -1.87 7.98
C TYR B 8 1.92 -1.67 8.54
N LEU B 9 2.90 -1.85 7.67
CA LEU B 9 4.29 -1.53 7.96
C LEU B 9 4.82 -0.67 6.81
N PRO B 10 5.91 0.08 7.00
CA PRO B 10 6.30 1.07 6.00
C PRO B 10 7.20 0.49 4.91
N PRO B 11 7.22 1.16 3.75
CA PRO B 11 7.37 0.49 2.46
C PRO B 11 8.79 0.28 1.96
N GLU B 12 8.96 -0.83 1.27
CA GLU B 12 10.15 -1.13 0.51
C GLU B 12 9.80 -1.02 -0.99
N ASP B 13 10.50 -0.18 -1.74
CA ASP B 13 10.16 0.04 -3.14
C ASP B 13 11.40 0.40 -3.95
N PRO B 14 11.64 -0.31 -5.06
CA PRO B 14 12.78 -0.07 -5.96
C PRO B 14 12.79 1.35 -6.50
N NH2 B 15 11.89 1.65 -7.42
HN1 NH2 B 15 11.26 0.94 -7.70
HN2 NH2 B 15 11.87 2.55 -7.79
N LEU A 1 -4.43 6.91 -15.21
CA LEU A 1 -4.69 7.96 -14.20
C LEU A 1 -4.49 7.38 -12.80
N GLY A 2 -3.75 8.09 -11.98
CA GLY A 2 -3.47 7.61 -10.64
C GLY A 2 -3.01 8.70 -9.70
N PRO A 3 -3.93 9.26 -8.89
CA PRO A 3 -3.59 10.25 -7.89
C PRO A 3 -3.27 9.62 -6.53
N LEU A 4 -2.03 9.76 -6.10
CA LEU A 4 -1.61 9.22 -4.82
C LEU A 4 -1.61 10.30 -3.75
N PRO A 5 -2.47 10.14 -2.73
CA PRO A 5 -2.58 11.10 -1.62
C PRO A 5 -1.33 11.07 -0.73
N PRO A 6 -0.78 12.25 -0.39
CA PRO A 6 0.36 12.37 0.50
C PRO A 6 0.08 11.73 1.87
N GLY A 7 0.92 10.78 2.24
CA GLY A 7 0.71 10.04 3.48
C GLY A 7 0.51 8.57 3.23
N TRP A 8 0.44 8.21 1.95
CA TRP A 8 0.31 6.81 1.55
C TRP A 8 1.67 6.18 1.36
N GLU A 9 1.99 5.23 2.22
CA GLU A 9 3.18 4.43 2.06
C GLU A 9 2.81 3.19 1.27
N VAL A 10 3.44 2.99 0.11
CA VAL A 10 3.11 1.82 -0.67
C VAL A 10 4.02 0.66 -0.28
N ARG A 11 3.46 -0.31 0.41
CA ARG A 11 4.24 -1.43 0.87
C ARG A 11 4.13 -2.55 -0.15
N SER A 12 5.08 -2.59 -1.08
CA SER A 12 5.06 -3.56 -2.15
C SER A 12 6.05 -4.69 -1.87
N THR A 13 5.52 -5.88 -1.63
CA THR A 13 6.36 -7.01 -1.30
C THR A 13 6.77 -7.77 -2.55
N VAL A 14 7.95 -8.40 -2.49
CA VAL A 14 8.58 -9.04 -3.65
C VAL A 14 7.70 -10.15 -4.24
N SER A 15 6.69 -10.58 -3.49
CA SER A 15 5.71 -11.54 -3.99
C SER A 15 4.95 -10.99 -5.21
N GLY A 16 5.08 -9.68 -5.43
CA GLY A 16 4.42 -9.05 -6.55
C GLY A 16 3.03 -8.55 -6.21
N ARG A 17 2.92 -7.90 -5.06
CA ARG A 17 1.65 -7.33 -4.62
C ARG A 17 1.90 -5.98 -3.96
N ILE A 18 1.15 -4.97 -4.36
CA ILE A 18 1.17 -3.70 -3.66
C ILE A 18 -0.03 -3.69 -2.70
N TYR A 19 0.20 -3.23 -1.49
CA TYR A 19 -0.83 -3.28 -0.47
C TYR A 19 -0.62 -2.10 0.45
N PHE A 20 -1.67 -1.42 0.76
CA PHE A 20 -1.53 -0.11 1.32
C PHE A 20 -1.45 -0.06 2.80
N VAL A 21 -0.52 0.79 3.21
CA VAL A 21 -0.24 1.05 4.58
C VAL A 21 -0.12 2.56 4.78
N ASP A 22 -1.22 3.19 5.09
CA ASP A 22 -1.20 4.60 5.38
C ASP A 22 -0.98 4.74 6.87
N HIS A 23 0.15 5.35 7.23
CA HIS A 23 0.55 5.41 8.63
C HIS A 23 -0.15 6.56 9.35
N ASN A 24 -0.92 7.34 8.60
CA ASN A 24 -1.55 8.55 9.15
C ASN A 24 -2.94 8.23 9.70
N ASN A 25 -3.84 7.84 8.83
CA ASN A 25 -5.18 7.45 9.22
C ASN A 25 -5.19 5.98 9.64
N ARG A 26 -4.13 5.28 9.23
CA ARG A 26 -3.91 3.87 9.55
C ARG A 26 -4.95 2.99 8.87
N THR A 27 -4.67 2.65 7.61
CA THR A 27 -5.55 1.80 6.82
C THR A 27 -4.76 0.81 5.97
N THR A 28 -5.34 -0.36 5.71
CA THR A 28 -4.74 -1.35 4.83
C THR A 28 -5.70 -1.70 3.69
N GLN A 29 -5.24 -1.50 2.45
CA GLN A 29 -6.10 -1.68 1.29
C GLN A 29 -5.33 -2.23 0.10
N PHE A 30 -5.87 -3.25 -0.56
CA PHE A 30 -5.25 -3.82 -1.77
C PHE A 30 -5.45 -2.93 -2.99
N THR A 31 -6.37 -1.99 -2.91
CA THR A 31 -6.66 -1.13 -4.03
C THR A 31 -5.58 -0.04 -4.18
N ASP A 32 -5.12 0.16 -5.42
CA ASP A 32 -4.13 1.19 -5.70
C ASP A 32 -4.74 2.23 -6.64
N PRO A 33 -4.61 3.53 -6.29
CA PRO A 33 -5.22 4.62 -7.05
C PRO A 33 -4.64 4.81 -8.45
N ARG A 34 -3.48 4.21 -8.73
CA ARG A 34 -2.83 4.36 -10.03
C ARG A 34 -3.18 3.19 -10.93
N LEU A 35 -3.72 2.15 -10.34
CA LEU A 35 -4.06 0.95 -11.07
C LEU A 35 -5.54 0.93 -11.41
N ASP B 2 -4.66 -11.87 -4.04
CA ASP B 2 -3.71 -12.16 -2.94
C ASP B 2 -4.50 -12.37 -1.65
N THR B 3 -3.81 -12.63 -0.56
CA THR B 3 -4.46 -12.91 0.71
C THR B 3 -4.73 -11.59 1.44
N PRO B 4 -5.83 -11.51 2.23
CA PRO B 4 -6.33 -10.25 2.80
C PRO B 4 -5.25 -9.42 3.47
N PRO B 5 -5.35 -8.07 3.33
CA PRO B 5 -4.27 -7.13 3.67
C PRO B 5 -3.66 -7.36 5.05
N PRO B 6 -2.34 -7.59 5.06
CA PRO B 6 -1.54 -7.70 6.29
C PRO B 6 -1.62 -6.47 7.16
N ALA B 7 -0.91 -6.51 8.29
CA ALA B 7 -0.75 -5.33 9.13
C ALA B 7 0.00 -4.25 8.36
N TYR B 8 -0.10 -3.01 8.80
CA TYR B 8 0.50 -1.92 8.04
C TYR B 8 1.95 -1.71 8.49
N LEU B 9 2.83 -1.76 7.52
CA LEU B 9 4.25 -1.51 7.73
C LEU B 9 4.74 -0.51 6.71
N PRO B 10 5.88 0.15 6.93
CA PRO B 10 6.33 1.21 6.04
C PRO B 10 7.15 0.65 4.89
N PRO B 11 7.29 1.41 3.80
CA PRO B 11 7.38 0.84 2.47
C PRO B 11 8.79 0.49 2.00
N GLU B 12 8.91 -0.75 1.54
CA GLU B 12 10.10 -1.24 0.89
C GLU B 12 9.76 -1.57 -0.57
N ASP B 13 10.10 -0.68 -1.50
CA ASP B 13 9.74 -0.89 -2.89
C ASP B 13 10.97 -1.01 -3.77
N PRO B 14 11.18 -2.19 -4.37
CA PRO B 14 12.29 -2.43 -5.28
C PRO B 14 12.04 -1.83 -6.65
N NH2 B 15 12.33 -0.54 -6.79
HN1 NH2 B 15 12.69 -0.06 -6.02
HN2 NH2 B 15 12.16 -0.12 -7.66
N LEU A 1 -4.52 6.92 -14.39
CA LEU A 1 -4.19 8.22 -13.75
C LEU A 1 -4.25 8.05 -12.24
N GLY A 2 -3.12 8.17 -11.58
CA GLY A 2 -3.07 7.87 -10.17
C GLY A 2 -2.79 9.08 -9.28
N PRO A 3 -3.82 9.57 -8.59
CA PRO A 3 -3.65 10.57 -7.54
C PRO A 3 -3.44 9.90 -6.19
N LEU A 4 -2.25 10.07 -5.62
CA LEU A 4 -1.91 9.40 -4.38
C LEU A 4 -2.10 10.33 -3.19
N PRO A 5 -3.04 9.99 -2.30
CA PRO A 5 -3.30 10.77 -1.08
C PRO A 5 -2.10 10.79 -0.14
N PRO A 6 -1.82 11.94 0.48
CA PRO A 6 -0.73 12.10 1.43
C PRO A 6 -0.88 11.15 2.62
N GLY A 7 0.12 10.31 2.83
CA GLY A 7 0.06 9.34 3.89
C GLY A 7 0.09 7.92 3.37
N TRP A 8 0.10 7.78 2.04
CA TRP A 8 0.10 6.46 1.42
C TRP A 8 1.51 5.97 1.21
N GLU A 9 1.92 5.07 2.06
CA GLU A 9 3.16 4.36 1.87
C GLU A 9 2.87 3.12 1.07
N VAL A 10 3.48 2.99 -0.10
CA VAL A 10 3.23 1.82 -0.90
C VAL A 10 4.26 0.76 -0.53
N ARG A 11 3.77 -0.33 0.03
CA ARG A 11 4.66 -1.37 0.47
C ARG A 11 4.58 -2.53 -0.52
N SER A 12 5.53 -2.55 -1.44
CA SER A 12 5.54 -3.56 -2.49
C SER A 12 6.38 -4.75 -2.05
N THR A 13 5.85 -5.94 -2.22
CA THR A 13 6.53 -7.13 -1.75
C THR A 13 6.84 -8.07 -2.90
N VAL A 14 7.95 -8.82 -2.76
CA VAL A 14 8.45 -9.69 -3.83
C VAL A 14 7.45 -10.81 -4.14
N SER A 15 6.49 -10.99 -3.24
CA SER A 15 5.38 -11.92 -3.47
C SER A 15 4.61 -11.59 -4.75
N GLY A 16 4.85 -10.39 -5.30
CA GLY A 16 4.18 -9.97 -6.51
C GLY A 16 2.88 -9.25 -6.20
N ARG A 17 2.87 -8.56 -5.08
CA ARG A 17 1.68 -7.87 -4.62
C ARG A 17 2.04 -6.51 -4.03
N ILE A 18 1.37 -5.46 -4.49
CA ILE A 18 1.41 -4.18 -3.83
C ILE A 18 0.29 -4.16 -2.80
N TYR A 19 0.56 -3.59 -1.64
CA TYR A 19 -0.40 -3.65 -0.57
C TYR A 19 -0.21 -2.42 0.27
N PHE A 20 -1.29 -1.77 0.56
CA PHE A 20 -1.22 -0.46 1.07
C PHE A 20 -1.14 -0.37 2.55
N VAL A 21 -0.25 0.49 2.95
CA VAL A 21 0.03 0.75 4.33
C VAL A 21 0.12 2.25 4.52
N ASP A 22 -1.00 2.87 4.81
CA ASP A 22 -1.03 4.29 5.02
C ASP A 22 -0.83 4.56 6.49
N HIS A 23 0.20 5.34 6.82
CA HIS A 23 0.56 5.56 8.21
C HIS A 23 -0.30 6.67 8.81
N ASN A 24 -0.91 7.47 7.95
CA ASN A 24 -1.63 8.65 8.39
C ASN A 24 -3.00 8.26 8.95
N ASN A 25 -3.83 7.70 8.10
CA ASN A 25 -5.17 7.27 8.48
C ASN A 25 -5.12 5.86 9.07
N ARG A 26 -4.02 5.17 8.79
CA ARG A 26 -3.80 3.80 9.25
C ARG A 26 -4.81 2.85 8.62
N THR A 27 -4.51 2.43 7.41
CA THR A 27 -5.38 1.51 6.69
C THR A 27 -4.56 0.63 5.75
N THR A 28 -5.03 -0.58 5.52
CA THR A 28 -4.38 -1.49 4.59
C THR A 28 -5.28 -1.72 3.37
N GLN A 29 -4.83 -1.26 2.21
CA GLN A 29 -5.66 -1.26 1.02
C GLN A 29 -5.06 -2.16 -0.07
N PHE A 30 -5.88 -3.02 -0.64
CA PHE A 30 -5.45 -3.82 -1.78
C PHE A 30 -5.80 -3.12 -3.09
N THR A 31 -6.66 -2.12 -2.99
CA THR A 31 -7.01 -1.29 -4.14
C THR A 31 -5.96 -0.20 -4.36
N ASP A 32 -5.32 -0.21 -5.53
CA ASP A 32 -4.35 0.82 -5.89
C ASP A 32 -5.04 1.88 -6.75
N PRO A 33 -4.85 3.17 -6.43
CA PRO A 33 -5.45 4.28 -7.18
C PRO A 33 -4.59 4.74 -8.36
N ARG A 34 -3.34 4.31 -8.39
CA ARG A 34 -2.33 4.85 -9.30
C ARG A 34 -2.48 4.34 -10.74
N LEU A 35 -3.24 3.27 -10.94
CA LEU A 35 -3.38 2.69 -12.29
C LEU A 35 -4.25 3.60 -13.16
N ASP B 2 -5.24 -11.33 -3.52
CA ASP B 2 -4.25 -11.86 -2.55
C ASP B 2 -4.92 -12.05 -1.20
N THR B 3 -4.16 -12.54 -0.22
CA THR B 3 -4.72 -12.87 1.09
C THR B 3 -5.06 -11.59 1.85
N PRO B 4 -6.14 -11.61 2.66
CA PRO B 4 -6.70 -10.40 3.28
C PRO B 4 -5.65 -9.52 3.98
N PRO B 5 -5.82 -8.19 3.85
CA PRO B 5 -4.78 -7.21 4.19
C PRO B 5 -4.19 -7.35 5.59
N PRO B 6 -2.85 -7.33 5.65
CA PRO B 6 -2.07 -7.37 6.90
C PRO B 6 -2.02 -6.01 7.61
N ALA B 7 -1.33 -5.95 8.74
CA ALA B 7 -1.08 -4.67 9.42
C ALA B 7 -0.19 -3.79 8.54
N TYR B 8 -0.10 -2.51 8.86
CA TYR B 8 0.64 -1.58 8.00
C TYR B 8 2.08 -1.38 8.47
N LEU B 9 2.94 -1.26 7.48
CA LEU B 9 4.37 -1.09 7.65
C LEU B 9 4.86 0.08 6.80
N PRO B 10 6.03 0.64 7.09
CA PRO B 10 6.59 1.68 6.23
C PRO B 10 7.42 1.05 5.11
N PRO B 11 7.55 1.74 3.97
CA PRO B 11 7.64 1.10 2.67
C PRO B 11 9.03 0.72 2.19
N GLU B 12 9.10 -0.48 1.64
CA GLU B 12 10.23 -0.93 0.87
C GLU B 12 9.77 -1.06 -0.59
N ASP B 13 10.53 -0.53 -1.54
CA ASP B 13 10.11 -0.56 -2.94
C ASP B 13 11.30 -0.62 -3.88
N PRO B 14 11.48 -1.76 -4.55
CA PRO B 14 12.54 -1.97 -5.53
C PRO B 14 12.13 -1.51 -6.92
N NH2 B 15 12.21 -0.20 -7.16
HN1 NH2 B 15 12.53 0.37 -6.43
HN2 NH2 B 15 11.94 0.12 -8.05
N LEU A 1 -6.93 7.54 -12.98
CA LEU A 1 -6.12 6.95 -11.89
C LEU A 1 -4.64 7.21 -12.14
N GLY A 2 -3.88 7.40 -11.08
CA GLY A 2 -2.50 7.83 -11.21
C GLY A 2 -1.89 8.45 -9.96
N PRO A 3 -2.64 9.27 -9.18
CA PRO A 3 -2.04 10.01 -8.06
C PRO A 3 -2.07 9.25 -6.74
N LEU A 4 -1.05 9.50 -5.92
CA LEU A 4 -0.93 8.87 -4.61
C LEU A 4 -1.09 9.93 -3.52
N PRO A 5 -2.13 9.81 -2.69
CA PRO A 5 -2.42 10.78 -1.63
C PRO A 5 -1.37 10.75 -0.51
N PRO A 6 -0.89 11.93 -0.08
CA PRO A 6 0.05 12.04 1.03
C PRO A 6 -0.46 11.35 2.29
N GLY A 7 0.30 10.37 2.76
CA GLY A 7 -0.12 9.57 3.88
C GLY A 7 -0.26 8.12 3.48
N TRP A 8 -0.32 7.91 2.17
CA TRP A 8 -0.38 6.57 1.60
C TRP A 8 1.02 6.06 1.35
N GLU A 9 1.45 5.12 2.15
CA GLU A 9 2.70 4.46 1.91
C GLU A 9 2.44 3.19 1.13
N VAL A 10 3.02 3.11 -0.05
CA VAL A 10 2.81 1.97 -0.91
C VAL A 10 3.85 0.91 -0.60
N ARG A 11 3.45 -0.10 0.14
CA ARG A 11 4.38 -1.13 0.54
C ARG A 11 4.33 -2.22 -0.52
N SER A 12 5.34 -2.22 -1.37
CA SER A 12 5.43 -3.14 -2.47
C SER A 12 6.20 -4.39 -2.05
N THR A 13 5.73 -5.54 -2.47
CA THR A 13 6.37 -6.78 -2.08
C THR A 13 6.65 -7.66 -3.29
N VAL A 14 7.84 -8.24 -3.33
CA VAL A 14 8.35 -8.99 -4.49
C VAL A 14 7.48 -10.23 -4.79
N SER A 15 6.65 -10.62 -3.83
CA SER A 15 5.66 -11.68 -4.04
C SER A 15 4.74 -11.35 -5.23
N GLY A 16 4.78 -10.09 -5.65
CA GLY A 16 3.99 -9.66 -6.78
C GLY A 16 2.62 -9.16 -6.39
N ARG A 17 2.57 -8.36 -5.34
CA ARG A 17 1.34 -7.69 -4.97
C ARG A 17 1.65 -6.36 -4.30
N ILE A 18 0.87 -5.36 -4.65
CA ILE A 18 0.92 -4.07 -3.96
C ILE A 18 -0.07 -4.12 -2.81
N TYR A 19 0.28 -3.53 -1.69
CA TYR A 19 -0.61 -3.61 -0.54
C TYR A 19 -0.42 -2.36 0.29
N PHE A 20 -1.53 -1.74 0.60
CA PHE A 20 -1.48 -0.44 1.16
C PHE A 20 -1.40 -0.41 2.64
N VAL A 21 -0.55 0.49 3.08
CA VAL A 21 -0.27 0.72 4.45
C VAL A 21 -0.22 2.23 4.67
N ASP A 22 -1.36 2.81 4.97
CA ASP A 22 -1.43 4.24 5.18
C ASP A 22 -1.22 4.50 6.66
N HIS A 23 -0.14 5.23 6.96
CA HIS A 23 0.27 5.44 8.34
C HIS A 23 -0.57 6.54 8.98
N ASN A 24 -1.29 7.28 8.14
CA ASN A 24 -2.04 8.44 8.62
C ASN A 24 -3.38 8.00 9.19
N ASN A 25 -4.16 7.30 8.38
CA ASN A 25 -5.48 6.84 8.79
C ASN A 25 -5.40 5.45 9.43
N ARG A 26 -4.26 4.78 9.23
CA ARG A 26 -4.02 3.44 9.75
C ARG A 26 -4.81 2.42 8.94
N THR A 27 -4.93 2.67 7.64
CA THR A 27 -5.77 1.84 6.79
C THR A 27 -4.95 0.93 5.88
N THR A 28 -5.52 -0.22 5.56
CA THR A 28 -4.88 -1.20 4.70
C THR A 28 -5.76 -1.49 3.47
N GLN A 29 -5.24 -1.17 2.29
CA GLN A 29 -6.03 -1.21 1.07
C GLN A 29 -5.39 -2.13 0.02
N PHE A 30 -6.17 -2.89 -0.71
CA PHE A 30 -5.63 -3.65 -1.84
C PHE A 30 -5.90 -2.92 -3.15
N THR A 31 -6.80 -1.95 -3.11
CA THR A 31 -7.10 -1.12 -4.25
C THR A 31 -6.05 -0.02 -4.40
N ASP A 32 -5.41 0.03 -5.56
CA ASP A 32 -4.37 1.04 -5.81
C ASP A 32 -4.88 2.14 -6.71
N PRO A 33 -4.75 3.40 -6.27
CA PRO A 33 -5.22 4.57 -7.00
C PRO A 33 -4.35 4.93 -8.20
N ARG A 34 -3.15 4.35 -8.26
CA ARG A 34 -2.21 4.67 -9.33
C ARG A 34 -2.45 3.81 -10.56
N LEU A 35 -3.20 2.74 -10.41
CA LEU A 35 -3.52 1.84 -11.51
C LEU A 35 -4.76 2.32 -12.25
N ASP B 2 -4.98 -11.05 -3.43
CA ASP B 2 -4.16 -11.80 -2.45
C ASP B 2 -4.90 -11.86 -1.11
N THR B 3 -4.28 -12.52 -0.12
CA THR B 3 -4.90 -12.68 1.19
C THR B 3 -5.06 -11.32 1.87
N PRO B 4 -6.11 -11.16 2.72
CA PRO B 4 -6.48 -9.88 3.30
C PRO B 4 -5.31 -9.12 3.92
N PRO B 5 -5.33 -7.78 3.78
CA PRO B 5 -4.16 -6.92 4.06
C PRO B 5 -3.58 -7.12 5.46
N PRO B 6 -2.26 -7.33 5.51
CA PRO B 6 -1.50 -7.43 6.76
C PRO B 6 -1.44 -6.11 7.51
N ALA B 7 -0.93 -6.15 8.74
CA ALA B 7 -0.68 -4.94 9.51
C ALA B 7 0.23 -4.00 8.72
N TYR B 8 0.13 -2.70 8.98
CA TYR B 8 0.77 -1.73 8.11
C TYR B 8 2.19 -1.43 8.54
N LEU B 9 3.05 -1.41 7.56
CA LEU B 9 4.46 -1.12 7.72
C LEU B 9 4.87 -0.06 6.71
N PRO B 10 5.99 0.63 6.88
CA PRO B 10 6.40 1.64 5.92
C PRO B 10 7.25 1.01 4.81
N PRO B 11 7.36 1.69 3.67
CA PRO B 11 7.47 1.02 2.38
C PRO B 11 8.88 0.69 1.92
N GLU B 12 8.99 -0.45 1.27
CA GLU B 12 10.23 -0.92 0.69
C GLU B 12 10.02 -1.28 -0.78
N ASP B 13 10.78 -0.69 -1.69
CA ASP B 13 10.69 -1.07 -3.09
C ASP B 13 12.04 -0.87 -3.77
N PRO B 14 12.82 -1.95 -3.94
CA PRO B 14 14.14 -1.91 -4.53
C PRO B 14 14.09 -1.98 -6.05
N NH2 B 15 13.93 -0.83 -6.69
HN1 NH2 B 15 13.86 -0.01 -6.15
HN2 NH2 B 15 13.91 -0.86 -7.67
N LEU A 1 -5.74 4.98 -11.40
CA LEU A 1 -6.42 6.27 -11.61
C LEU A 1 -5.42 7.39 -11.85
N GLY A 2 -4.28 7.34 -11.16
CA GLY A 2 -3.25 8.33 -11.38
C GLY A 2 -2.62 8.89 -10.11
N PRO A 3 -3.41 9.52 -9.20
CA PRO A 3 -2.87 10.29 -8.09
C PRO A 3 -2.61 9.48 -6.82
N LEU A 4 -1.48 9.75 -6.19
CA LEU A 4 -1.12 9.16 -4.91
C LEU A 4 -1.19 10.21 -3.81
N PRO A 5 -2.11 10.04 -2.85
CA PRO A 5 -2.28 10.99 -1.74
C PRO A 5 -1.16 10.89 -0.70
N PRO A 6 -0.58 12.04 -0.30
CA PRO A 6 0.41 12.10 0.76
C PRO A 6 -0.08 11.47 2.06
N GLY A 7 0.67 10.50 2.57
CA GLY A 7 0.24 9.74 3.72
C GLY A 7 0.07 8.29 3.36
N TRP A 8 0.06 8.04 2.06
CA TRP A 8 -0.03 6.69 1.53
C TRP A 8 1.36 6.12 1.34
N GLU A 9 1.75 5.23 2.22
CA GLU A 9 2.98 4.51 2.04
C GLU A 9 2.69 3.24 1.26
N VAL A 10 3.23 3.16 0.07
CA VAL A 10 2.98 2.05 -0.81
C VAL A 10 4.00 0.95 -0.57
N ARG A 11 3.59 -0.06 0.19
CA ARG A 11 4.50 -1.12 0.56
C ARG A 11 4.37 -2.24 -0.48
N SER A 12 5.24 -2.21 -1.45
CA SER A 12 5.25 -3.21 -2.51
C SER A 12 6.14 -4.38 -2.10
N THR A 13 5.75 -5.59 -2.45
CA THR A 13 6.50 -6.75 -2.05
C THR A 13 6.84 -7.66 -3.23
N VAL A 14 8.01 -8.29 -3.14
CA VAL A 14 8.54 -9.17 -4.18
C VAL A 14 7.59 -10.35 -4.43
N SER A 15 6.66 -10.58 -3.51
CA SER A 15 5.65 -11.61 -3.66
C SER A 15 4.80 -11.39 -4.93
N GLY A 16 4.90 -10.19 -5.50
CA GLY A 16 4.13 -9.84 -6.68
C GLY A 16 2.80 -9.24 -6.30
N ARG A 17 2.81 -8.39 -5.28
CA ARG A 17 1.58 -7.79 -4.78
C ARG A 17 1.87 -6.41 -4.20
N ILE A 18 0.99 -5.45 -4.47
CA ILE A 18 1.06 -4.14 -3.86
C ILE A 18 0.05 -4.08 -2.72
N TYR A 19 0.42 -3.50 -1.59
CA TYR A 19 -0.46 -3.54 -0.44
C TYR A 19 -0.21 -2.30 0.37
N PHE A 20 -1.28 -1.65 0.73
CA PHE A 20 -1.18 -0.34 1.26
C PHE A 20 -1.10 -0.27 2.74
N VAL A 21 -0.24 0.63 3.16
CA VAL A 21 -0.01 0.89 4.54
C VAL A 21 -0.04 2.41 4.76
N ASP A 22 -1.23 2.90 5.05
CA ASP A 22 -1.37 4.31 5.30
C ASP A 22 -1.15 4.54 6.79
N HIS A 23 -0.13 5.32 7.10
CA HIS A 23 0.29 5.49 8.48
C HIS A 23 -0.49 6.63 9.12
N ASN A 24 -1.31 7.32 8.35
CA ASN A 24 -2.04 8.48 8.84
C ASN A 24 -3.35 8.04 9.50
N ASN A 25 -4.21 7.41 8.71
CA ASN A 25 -5.47 6.90 9.21
C ASN A 25 -5.30 5.48 9.75
N ARG A 26 -4.24 4.82 9.30
CA ARG A 26 -3.95 3.43 9.62
C ARG A 26 -4.96 2.51 8.94
N THR A 27 -4.69 2.20 7.69
CA THR A 27 -5.54 1.29 6.94
C THR A 27 -4.70 0.53 5.90
N THR A 28 -5.13 -0.69 5.59
CA THR A 28 -4.44 -1.51 4.61
C THR A 28 -5.32 -1.72 3.37
N GLN A 29 -4.81 -1.32 2.21
CA GLN A 29 -5.60 -1.32 0.98
C GLN A 29 -4.94 -2.18 -0.10
N PHE A 30 -5.70 -3.09 -0.71
CA PHE A 30 -5.17 -3.86 -1.82
C PHE A 30 -5.41 -3.14 -3.14
N THR A 31 -6.26 -2.13 -3.10
CA THR A 31 -6.52 -1.30 -4.27
C THR A 31 -5.51 -0.15 -4.32
N ASP A 32 -4.77 -0.07 -5.42
CA ASP A 32 -3.81 1.00 -5.63
C ASP A 32 -4.37 2.02 -6.62
N PRO A 33 -4.23 3.31 -6.32
CA PRO A 33 -4.71 4.39 -7.17
C PRO A 33 -3.77 4.73 -8.33
N ARG A 34 -2.53 4.25 -8.27
CA ARG A 34 -1.50 4.71 -9.18
C ARG A 34 -1.45 3.89 -10.49
N LEU A 35 -2.00 2.68 -10.47
CA LEU A 35 -1.99 1.80 -11.66
C LEU A 35 -2.44 2.54 -12.91
N ASP B 2 -5.35 -11.01 -3.32
CA ASP B 2 -4.49 -11.76 -2.40
C ASP B 2 -5.17 -11.85 -1.03
N THR B 3 -4.61 -12.64 -0.13
CA THR B 3 -5.12 -12.81 1.23
C THR B 3 -5.38 -11.46 1.88
N PRO B 4 -6.57 -11.26 2.50
CA PRO B 4 -7.02 -9.95 2.98
C PRO B 4 -5.96 -9.19 3.79
N PRO B 5 -5.93 -7.87 3.61
CA PRO B 5 -4.82 -7.00 4.00
C PRO B 5 -4.30 -7.21 5.43
N PRO B 6 -2.97 -7.26 5.58
CA PRO B 6 -2.28 -7.45 6.85
C PRO B 6 -2.02 -6.14 7.59
N ALA B 7 -1.40 -6.22 8.76
CA ALA B 7 -1.03 -5.02 9.52
C ALA B 7 -0.10 -4.12 8.71
N TYR B 8 -0.15 -2.83 8.96
CA TYR B 8 0.57 -1.86 8.13
C TYR B 8 1.99 -1.61 8.66
N LEU B 9 2.94 -1.74 7.76
CA LEU B 9 4.32 -1.35 8.01
C LEU B 9 4.79 -0.48 6.86
N PRO B 10 5.86 0.31 7.02
CA PRO B 10 6.23 1.29 6.01
C PRO B 10 7.15 0.71 4.93
N PRO B 11 7.19 1.39 3.77
CA PRO B 11 7.36 0.73 2.48
C PRO B 11 8.78 0.53 2.00
N GLU B 12 8.93 -0.48 1.15
CA GLU B 12 10.17 -0.77 0.46
C GLU B 12 9.84 -0.99 -1.03
N ASP B 13 10.06 0.02 -1.88
CA ASP B 13 9.63 -0.06 -3.28
C ASP B 13 10.82 -0.05 -4.22
N PRO B 14 11.01 -1.14 -4.98
CA PRO B 14 12.09 -1.28 -5.94
C PRO B 14 11.70 -0.74 -7.32
N NH2 B 15 11.86 0.55 -7.51
HN1 NH2 B 15 12.21 1.09 -6.76
HN2 NH2 B 15 11.64 0.93 -8.39
N LEU A 1 -1.28 6.16 -13.25
CA LEU A 1 -1.87 7.34 -13.91
C LEU A 1 -2.95 8.00 -13.05
N GLY A 2 -3.32 7.34 -11.95
CA GLY A 2 -4.35 7.88 -11.08
C GLY A 2 -3.76 8.72 -9.95
N PRO A 3 -4.61 9.24 -9.06
CA PRO A 3 -4.20 10.09 -7.96
C PRO A 3 -3.85 9.31 -6.69
N LEU A 4 -2.73 9.66 -6.08
CA LEU A 4 -2.30 9.00 -4.85
C LEU A 4 -2.40 9.97 -3.67
N PRO A 5 -3.17 9.60 -2.65
CA PRO A 5 -3.34 10.42 -1.44
C PRO A 5 -2.04 10.56 -0.65
N PRO A 6 -1.67 11.79 -0.26
CA PRO A 6 -0.48 12.05 0.54
C PRO A 6 -0.58 11.41 1.92
N GLY A 7 0.41 10.59 2.25
CA GLY A 7 0.38 9.85 3.50
C GLY A 7 0.32 8.35 3.26
N TRP A 8 0.21 7.99 1.98
CA TRP A 8 0.13 6.60 1.59
C TRP A 8 1.51 6.04 1.34
N GLU A 9 1.90 5.07 2.14
CA GLU A 9 3.12 4.34 1.91
C GLU A 9 2.78 3.08 1.14
N VAL A 10 3.37 2.92 -0.03
CA VAL A 10 3.08 1.76 -0.83
C VAL A 10 4.07 0.66 -0.46
N ARG A 11 3.59 -0.31 0.29
CA ARG A 11 4.46 -1.37 0.75
C ARG A 11 4.37 -2.52 -0.24
N SER A 12 5.38 -2.62 -1.08
CA SER A 12 5.41 -3.59 -2.16
C SER A 12 6.17 -4.83 -1.73
N THR A 13 5.68 -5.99 -2.13
CA THR A 13 6.29 -7.25 -1.72
C THR A 13 6.55 -8.16 -2.93
N VAL A 14 7.59 -8.99 -2.81
CA VAL A 14 8.11 -9.79 -3.91
C VAL A 14 7.09 -10.83 -4.40
N SER A 15 6.06 -11.05 -3.59
CA SER A 15 4.96 -11.93 -3.98
C SER A 15 4.27 -11.40 -5.24
N GLY A 16 4.54 -10.15 -5.56
CA GLY A 16 3.97 -9.54 -6.73
C GLY A 16 2.66 -8.86 -6.42
N ARG A 17 2.64 -8.14 -5.32
CA ARG A 17 1.45 -7.39 -4.95
C ARG A 17 1.82 -6.14 -4.17
N ILE A 18 1.19 -5.03 -4.52
CA ILE A 18 1.27 -3.82 -3.73
C ILE A 18 0.13 -3.85 -2.73
N TYR A 19 0.37 -3.33 -1.54
CA TYR A 19 -0.63 -3.42 -0.49
C TYR A 19 -0.46 -2.22 0.40
N PHE A 20 -1.54 -1.58 0.68
CA PHE A 20 -1.49 -0.27 1.23
C PHE A 20 -1.46 -0.22 2.72
N VAL A 21 -0.56 0.64 3.15
CA VAL A 21 -0.28 0.87 4.52
C VAL A 21 -0.06 2.37 4.73
N ASP A 22 -1.12 3.08 5.02
CA ASP A 22 -1.01 4.50 5.29
C ASP A 22 -0.75 4.67 6.78
N HIS A 23 0.27 5.45 7.10
CA HIS A 23 0.79 5.51 8.46
C HIS A 23 0.02 6.49 9.33
N ASN A 24 -0.66 7.46 8.72
CA ASN A 24 -1.29 8.52 9.49
C ASN A 24 -2.72 8.16 9.88
N ASN A 25 -3.50 7.65 8.93
CA ASN A 25 -4.86 7.21 9.24
C ASN A 25 -4.87 5.73 9.60
N ARG A 26 -3.76 5.04 9.29
CA ARG A 26 -3.62 3.61 9.50
C ARG A 26 -4.71 2.84 8.77
N THR A 27 -4.50 2.63 7.47
CA THR A 27 -5.46 1.91 6.66
C THR A 27 -4.78 0.86 5.78
N THR A 28 -5.52 -0.21 5.49
CA THR A 28 -5.01 -1.30 4.67
C THR A 28 -5.91 -1.55 3.46
N GLN A 29 -5.34 -1.48 2.26
CA GLN A 29 -6.11 -1.63 1.01
C GLN A 29 -5.32 -2.42 -0.03
N PHE A 30 -6.00 -3.17 -0.88
CA PHE A 30 -5.35 -3.83 -2.00
C PHE A 30 -5.55 -3.05 -3.30
N THR A 31 -6.49 -2.13 -3.31
CA THR A 31 -6.78 -1.34 -4.49
C THR A 31 -5.83 -0.15 -4.60
N ASP A 32 -5.11 -0.07 -5.72
CA ASP A 32 -4.23 1.05 -5.99
C ASP A 32 -4.99 2.09 -6.82
N PRO A 33 -5.15 3.31 -6.28
CA PRO A 33 -5.90 4.39 -6.92
C PRO A 33 -5.22 4.92 -8.19
N ARG A 34 -3.95 4.56 -8.36
CA ARG A 34 -3.18 5.05 -9.49
C ARG A 34 -3.34 4.15 -10.72
N LEU A 35 -3.85 2.94 -10.50
CA LEU A 35 -4.01 1.99 -11.57
C LEU A 35 -5.31 2.24 -12.33
N ASP B 2 -5.78 -10.59 -3.49
CA ASP B 2 -4.73 -11.28 -2.71
C ASP B 2 -5.19 -11.47 -1.28
N THR B 3 -4.53 -12.36 -0.55
CA THR B 3 -4.89 -12.66 0.83
C THR B 3 -4.97 -11.39 1.66
N PRO B 4 -5.98 -11.29 2.56
CA PRO B 4 -6.37 -10.03 3.22
C PRO B 4 -5.19 -9.25 3.80
N PRO B 5 -5.19 -7.92 3.59
CA PRO B 5 -4.02 -7.08 3.83
C PRO B 5 -3.44 -7.20 5.24
N PRO B 6 -2.12 -7.45 5.30
CA PRO B 6 -1.35 -7.45 6.55
C PRO B 6 -1.47 -6.14 7.32
N ALA B 7 -0.90 -6.12 8.53
CA ALA B 7 -0.81 -4.88 9.30
C ALA B 7 0.04 -3.88 8.53
N TYR B 8 -0.01 -2.61 8.93
CA TYR B 8 0.63 -1.59 8.12
C TYR B 8 2.08 -1.40 8.54
N LEU B 9 2.92 -1.36 7.54
CA LEU B 9 4.35 -1.22 7.70
C LEU B 9 4.87 -0.12 6.80
N PRO B 10 6.05 0.44 7.06
CA PRO B 10 6.63 1.41 6.15
C PRO B 10 7.45 0.69 5.09
N PRO B 11 7.61 1.28 3.91
CA PRO B 11 7.74 0.52 2.67
C PRO B 11 9.17 0.14 2.29
N GLU B 12 9.33 -1.12 1.90
CA GLU B 12 10.57 -1.60 1.34
C GLU B 12 10.42 -1.68 -0.20
N ASP B 13 10.94 -0.69 -0.92
CA ASP B 13 10.76 -0.67 -2.37
C ASP B 13 12.06 -0.28 -3.06
N PRO B 14 12.54 -1.16 -3.95
CA PRO B 14 13.78 -0.92 -4.72
C PRO B 14 13.76 0.39 -5.48
N NH2 B 15 12.84 0.51 -6.44
HN1 NH2 B 15 12.23 -0.25 -6.58
HN2 NH2 B 15 12.82 1.34 -6.94
N LEU A 1 -6.28 5.23 -11.62
CA LEU A 1 -7.19 6.37 -11.43
C LEU A 1 -6.43 7.68 -11.61
N GLY A 2 -5.28 7.82 -10.95
CA GLY A 2 -4.47 9.01 -11.14
C GLY A 2 -3.72 9.43 -9.89
N PRO A 3 -4.41 10.02 -8.90
CA PRO A 3 -3.77 10.65 -7.75
C PRO A 3 -3.52 9.69 -6.57
N LEU A 4 -2.38 9.86 -5.92
CA LEU A 4 -2.09 9.15 -4.69
C LEU A 4 -2.36 10.06 -3.50
N PRO A 5 -3.25 9.66 -2.58
CA PRO A 5 -3.56 10.46 -1.39
C PRO A 5 -2.34 10.64 -0.49
N PRO A 6 -2.20 11.83 0.13
CA PRO A 6 -1.10 12.14 1.05
C PRO A 6 -1.13 11.25 2.29
N GLY A 7 0.00 10.62 2.59
CA GLY A 7 0.08 9.73 3.73
C GLY A 7 0.16 8.28 3.31
N TRP A 8 0.12 8.05 2.01
CA TRP A 8 0.11 6.71 1.46
C TRP A 8 1.51 6.20 1.22
N GLU A 9 1.90 5.22 2.00
CA GLU A 9 3.16 4.54 1.81
C GLU A 9 2.88 3.25 1.07
N VAL A 10 3.57 3.05 -0.04
CA VAL A 10 3.31 1.88 -0.86
C VAL A 10 4.21 0.73 -0.40
N ARG A 11 3.65 -0.21 0.34
CA ARG A 11 4.44 -1.32 0.80
C ARG A 11 4.35 -2.40 -0.25
N SER A 12 5.30 -2.35 -1.16
CA SER A 12 5.34 -3.26 -2.28
C SER A 12 6.27 -4.41 -1.95
N THR A 13 5.99 -5.56 -2.52
CA THR A 13 6.82 -6.72 -2.29
C THR A 13 7.08 -7.45 -3.61
N VAL A 14 8.32 -7.94 -3.77
CA VAL A 14 8.71 -8.69 -4.98
C VAL A 14 7.85 -9.94 -5.16
N SER A 15 7.14 -10.30 -4.09
CA SER A 15 6.14 -11.35 -4.11
C SER A 15 5.09 -11.09 -5.20
N GLY A 16 5.07 -9.86 -5.72
CA GLY A 16 4.18 -9.52 -6.81
C GLY A 16 2.85 -9.01 -6.32
N ARG A 17 2.88 -8.24 -5.24
CA ARG A 17 1.67 -7.66 -4.69
C ARG A 17 1.98 -6.32 -4.00
N ILE A 18 1.35 -5.26 -4.50
CA ILE A 18 1.41 -3.96 -3.86
C ILE A 18 0.26 -3.88 -2.86
N TYR A 19 0.51 -3.34 -1.68
CA TYR A 19 -0.47 -3.41 -0.62
C TYR A 19 -0.32 -2.20 0.24
N PHE A 20 -1.43 -1.58 0.52
CA PHE A 20 -1.40 -0.27 1.06
C PHE A 20 -1.36 -0.20 2.54
N VAL A 21 -0.41 0.62 2.98
CA VAL A 21 -0.17 0.91 4.35
C VAL A 21 -0.02 2.42 4.51
N ASP A 22 -1.12 3.09 4.81
CA ASP A 22 -1.06 4.53 5.05
C ASP A 22 -0.80 4.73 6.52
N HIS A 23 0.25 5.48 6.83
CA HIS A 23 0.76 5.55 8.19
C HIS A 23 -0.02 6.57 9.02
N ASN A 24 -0.84 7.38 8.37
CA ASN A 24 -1.56 8.45 9.05
C ASN A 24 -2.88 7.92 9.63
N ASN A 25 -3.77 7.53 8.74
CA ASN A 25 -5.10 7.06 9.14
C ASN A 25 -5.09 5.56 9.35
N ARG A 26 -4.03 4.94 8.86
CA ARG A 26 -3.96 3.49 8.71
C ARG A 26 -4.96 3.03 7.66
N THR A 27 -4.55 3.11 6.42
CA THR A 27 -5.38 2.65 5.32
C THR A 27 -4.74 1.43 4.67
N THR A 28 -5.41 0.29 4.79
CA THR A 28 -4.90 -0.95 4.23
C THR A 28 -5.74 -1.40 3.05
N GLN A 29 -5.18 -1.33 1.85
CA GLN A 29 -5.93 -1.64 0.62
C GLN A 29 -5.05 -2.34 -0.41
N PHE A 30 -5.58 -3.36 -1.07
CA PHE A 30 -4.85 -4.02 -2.15
C PHE A 30 -4.99 -3.27 -3.47
N THR A 31 -5.96 -2.37 -3.53
CA THR A 31 -6.17 -1.57 -4.72
C THR A 31 -5.28 -0.32 -4.69
N ASP A 32 -4.71 0.03 -5.83
CA ASP A 32 -3.85 1.19 -5.93
C ASP A 32 -4.46 2.22 -6.87
N PRO A 33 -4.71 3.44 -6.36
CA PRO A 33 -5.34 4.53 -7.12
C PRO A 33 -4.44 5.08 -8.23
N ARG A 34 -3.16 4.76 -8.19
CA ARG A 34 -2.22 5.27 -9.18
C ARG A 34 -2.50 4.70 -10.56
N LEU A 35 -2.76 3.40 -10.63
CA LEU A 35 -3.10 2.75 -11.89
C LEU A 35 -4.61 2.55 -11.98
N ASP B 2 -3.88 -12.60 -2.75
CA ASP B 2 -3.30 -12.55 -1.40
C ASP B 2 -4.40 -12.26 -0.38
N THR B 3 -4.26 -12.85 0.81
CA THR B 3 -5.22 -12.69 1.89
C THR B 3 -5.42 -11.20 2.23
N PRO B 4 -6.58 -10.80 2.81
CA PRO B 4 -6.91 -9.39 3.04
C PRO B 4 -5.78 -8.61 3.70
N PRO B 5 -5.64 -7.32 3.34
CA PRO B 5 -4.45 -6.51 3.63
C PRO B 5 -3.99 -6.59 5.07
N PRO B 6 -2.69 -6.89 5.24
CA PRO B 6 -2.04 -7.01 6.55
C PRO B 6 -2.06 -5.71 7.36
N ALA B 7 -1.51 -5.76 8.56
CA ALA B 7 -1.29 -4.55 9.35
C ALA B 7 -0.32 -3.65 8.60
N TYR B 8 -0.32 -2.37 8.91
CA TYR B 8 0.46 -1.45 8.11
C TYR B 8 1.87 -1.28 8.66
N LEU B 9 2.82 -1.49 7.78
CA LEU B 9 4.24 -1.29 8.05
C LEU B 9 4.80 -0.40 6.96
N PRO B 10 5.95 0.25 7.17
CA PRO B 10 6.53 1.10 6.12
C PRO B 10 7.43 0.29 5.19
N PRO B 11 7.66 0.80 3.97
CA PRO B 11 7.86 -0.04 2.80
C PRO B 11 9.31 -0.46 2.53
N GLU B 12 9.42 -1.68 2.00
CA GLU B 12 10.70 -2.26 1.64
C GLU B 12 10.57 -2.96 0.28
N ASP B 13 11.02 -2.31 -0.80
CA ASP B 13 10.91 -2.92 -2.12
C ASP B 13 12.05 -2.45 -3.02
N PRO B 14 12.90 -3.37 -3.47
CA PRO B 14 13.99 -3.07 -4.38
C PRO B 14 13.54 -3.10 -5.84
N NH2 B 15 12.68 -2.18 -6.20
HN1 NH2 B 15 12.38 -1.53 -5.52
HN2 NH2 B 15 12.37 -2.16 -7.13
N LEU A 1 -0.73 6.74 -14.46
CA LEU A 1 -0.32 7.14 -13.10
C LEU A 1 -1.47 7.86 -12.40
N GLY A 2 -2.05 7.19 -11.41
CA GLY A 2 -3.11 7.80 -10.63
C GLY A 2 -2.57 8.64 -9.50
N PRO A 3 -3.44 9.33 -8.75
CA PRO A 3 -3.03 10.23 -7.69
C PRO A 3 -2.89 9.54 -6.33
N LEU A 4 -1.71 9.65 -5.74
CA LEU A 4 -1.43 9.03 -4.45
C LEU A 4 -1.79 10.00 -3.33
N PRO A 5 -2.78 9.65 -2.49
CA PRO A 5 -3.20 10.49 -1.36
C PRO A 5 -2.10 10.64 -0.31
N PRO A 6 -1.93 11.86 0.22
CA PRO A 6 -0.92 12.16 1.23
C PRO A 6 -1.00 11.24 2.45
N GLY A 7 0.07 10.52 2.72
CA GLY A 7 0.10 9.61 3.86
C GLY A 7 -0.09 8.17 3.45
N TRP A 8 -0.17 7.94 2.14
CA TRP A 8 -0.27 6.58 1.60
C TRP A 8 1.11 6.02 1.34
N GLU A 9 1.52 5.07 2.16
CA GLU A 9 2.73 4.35 1.89
C GLU A 9 2.37 3.10 1.12
N VAL A 10 2.91 3.02 -0.09
CA VAL A 10 2.63 1.89 -0.93
C VAL A 10 3.66 0.79 -0.68
N ARG A 11 3.24 -0.25 0.02
CA ARG A 11 4.16 -1.32 0.34
C ARG A 11 3.99 -2.42 -0.70
N SER A 12 4.80 -2.31 -1.75
CA SER A 12 4.76 -3.25 -2.84
C SER A 12 5.76 -4.37 -2.61
N THR A 13 5.27 -5.59 -2.59
CA THR A 13 6.12 -6.73 -2.28
C THR A 13 6.45 -7.51 -3.53
N VAL A 14 7.69 -8.01 -3.58
CA VAL A 14 8.22 -8.72 -4.75
C VAL A 14 7.44 -10.00 -5.03
N SER A 15 6.65 -10.43 -4.05
CA SER A 15 5.73 -11.56 -4.22
C SER A 15 4.74 -11.29 -5.36
N GLY A 16 4.66 -10.03 -5.80
CA GLY A 16 3.78 -9.66 -6.88
C GLY A 16 2.41 -9.26 -6.41
N ARG A 17 2.38 -8.49 -5.33
CA ARG A 17 1.13 -7.98 -4.78
C ARG A 17 1.36 -6.62 -4.13
N ILE A 18 0.55 -5.64 -4.50
CA ILE A 18 0.58 -4.33 -3.89
C ILE A 18 -0.40 -4.30 -2.73
N TYR A 19 -0.02 -3.71 -1.62
CA TYR A 19 -0.88 -3.73 -0.45
C TYR A 19 -0.61 -2.48 0.36
N PHE A 20 -1.66 -1.82 0.72
CA PHE A 20 -1.55 -0.51 1.26
C PHE A 20 -1.40 -0.46 2.74
N VAL A 21 -0.49 0.42 3.11
CA VAL A 21 -0.14 0.67 4.46
C VAL A 21 -0.05 2.18 4.64
N ASP A 22 -1.16 2.79 5.00
CA ASP A 22 -1.18 4.22 5.19
C ASP A 22 -0.94 4.51 6.65
N HIS A 23 0.10 5.29 6.93
CA HIS A 23 0.54 5.47 8.30
C HIS A 23 -0.28 6.55 9.02
N ASN A 24 -0.93 7.43 8.26
CA ASN A 24 -1.56 8.59 8.88
C ASN A 24 -3.04 8.33 9.21
N ASN A 25 -3.74 7.61 8.36
CA ASN A 25 -5.10 7.17 8.69
C ASN A 25 -5.06 5.80 9.36
N ARG A 26 -3.96 5.07 9.13
CA ARG A 26 -3.77 3.72 9.65
C ARG A 26 -4.77 2.77 8.98
N THR A 27 -4.70 2.69 7.66
CA THR A 27 -5.61 1.85 6.89
C THR A 27 -4.84 0.95 5.91
N THR A 28 -5.41 -0.22 5.64
CA THR A 28 -4.83 -1.16 4.70
C THR A 28 -5.76 -1.36 3.49
N GLN A 29 -5.19 -1.30 2.29
CA GLN A 29 -6.01 -1.33 1.07
C GLN A 29 -5.35 -2.15 -0.04
N PHE A 30 -6.08 -3.09 -0.63
CA PHE A 30 -5.54 -3.84 -1.76
C PHE A 30 -5.80 -3.13 -3.08
N THR A 31 -6.70 -2.16 -3.04
CA THR A 31 -7.04 -1.38 -4.22
C THR A 31 -6.13 -0.16 -4.34
N ASP A 32 -5.27 -0.18 -5.35
CA ASP A 32 -4.33 0.92 -5.60
C ASP A 32 -4.95 1.98 -6.51
N PRO A 33 -4.81 3.26 -6.14
CA PRO A 33 -5.37 4.38 -6.90
C PRO A 33 -4.52 4.80 -8.11
N ARG A 34 -3.28 4.35 -8.18
CA ARG A 34 -2.37 4.80 -9.23
C ARG A 34 -2.41 3.89 -10.45
N LEU A 35 -2.95 2.69 -10.27
CA LEU A 35 -3.12 1.77 -11.38
C LEU A 35 -4.24 2.25 -12.30
N ASP B 2 -4.73 -13.19 -3.11
CA ASP B 2 -4.03 -12.76 -1.88
C ASP B 2 -5.03 -12.43 -0.78
N THR B 3 -4.81 -13.04 0.38
CA THR B 3 -5.71 -12.93 1.51
C THR B 3 -5.68 -11.52 2.13
N PRO B 4 -6.61 -11.23 3.08
CA PRO B 4 -6.78 -9.86 3.63
C PRO B 4 -5.47 -9.21 4.06
N PRO B 5 -5.40 -7.87 3.89
CA PRO B 5 -4.16 -7.11 4.09
C PRO B 5 -3.61 -7.19 5.50
N PRO B 6 -2.30 -7.46 5.61
CA PRO B 6 -1.57 -7.47 6.89
C PRO B 6 -1.59 -6.12 7.60
N ALA B 7 -0.94 -6.05 8.76
CA ALA B 7 -0.76 -4.79 9.46
C ALA B 7 0.09 -3.85 8.61
N TYR B 8 0.10 -2.57 8.94
CA TYR B 8 0.75 -1.61 8.06
C TYR B 8 2.20 -1.37 8.47
N LEU B 9 3.05 -1.33 7.47
CA LEU B 9 4.47 -1.13 7.60
C LEU B 9 4.90 -0.03 6.64
N PRO B 10 6.05 0.59 6.82
CA PRO B 10 6.51 1.61 5.89
C PRO B 10 7.30 0.96 4.75
N PRO B 11 7.33 1.62 3.57
CA PRO B 11 7.39 0.93 2.29
C PRO B 11 8.80 0.62 1.77
N GLU B 12 8.89 -0.51 1.09
CA GLU B 12 10.12 -0.97 0.48
C GLU B 12 9.90 -1.22 -1.02
N ASP B 13 10.50 -0.39 -1.89
CA ASP B 13 10.36 -0.59 -3.33
C ASP B 13 11.60 -0.08 -4.05
N PRO B 14 12.39 -1.00 -4.64
CA PRO B 14 13.61 -0.64 -5.35
C PRO B 14 13.32 -0.15 -6.78
N NH2 B 15 12.82 1.08 -6.89
HN1 NH2 B 15 12.67 1.58 -6.06
HN2 NH2 B 15 12.65 1.42 -7.78
#